data_9I8V
#
_entry.id   9I8V
#
_cell.length_a   1.00
_cell.length_b   1.00
_cell.length_c   1.00
_cell.angle_alpha   90.00
_cell.angle_beta   90.00
_cell.angle_gamma   90.00
#
_symmetry.space_group_name_H-M   'P 1'
#
loop_
_entity.id
_entity.type
_entity.pdbx_description
1 polymer 'ATP-dependent RNA helicase'
2 polymer 'RNA-splicing ligase RtcB homolog'
3 polymer 'Family with sequence similarity 98, member B'
4 polymer 'RNA transcription, translation and transport factor protein'
5 polymer Ashwin
#
loop_
_entity_poly.entity_id
_entity_poly.type
_entity_poly.pdbx_seq_one_letter_code
_entity_poly.pdbx_strand_id
1 'polypeptide(L)' RRATGGGLYKGHVDILAPTVQELANLEREAQTSFLHLGYLPNQLFKAF B
2 'polypeptide(L)'
;MHHHHHHENLYFQGMSRSYNDELQYLDKIHKNCWRIKKGFVPNMLVEGVFYVNDPLEKLMFEELRNACRGGGFGGFLPAM
KQIGNVAALPGIVHRSIGLPDVHSGYGFAIGNMAAFDMENPDAVVSPGGVGFDINCGVRLLRTNLDEGDVQPVKEQLAQS
LFDHIPVGVGSKGVIPMGAKDLEEALEMGVDWSLREGYAWAEDKEHCEEYGRMLQADPNKVSSKAKKRGLPQLGTLGAGN
HYAEIQVVDEIYNDYAAKKMGIDHKGQVCVMIHSGSRGLGHQVATDALVAMEKAMKRDRITVNDRQLACARITSEEGQDY
LKGMAAAGNYAWVNRSSMTFLTRQAFSKVFSTTPDDLDMHVIYDVSHNIAKVEEHMVDGRQKTLLVHRKGSTRAFPPHHP
LIPVDYQLTGQPVLIGGTMGTCSYVLTGTEQGMTETFGTTCHGAGRALSRAKSRRNLDFQDVLDKLADMGIAIRVASPKL
VMEEAPESYKNVTDVVNTCHDAGISKKAIKLRPIAVIKG
;
C
3 'polypeptide(L)'
;MESDILDILEQLGYDGPLAEEACLLAECGRGFSSSEYVNLLTWLTKQLTQFTETHTQDEIITADPLDVSRLLKDCCCPYE
GLASRLANGDVKDTRDHLKIILFVSSELQSAQLLLSKTLRDAEEREMRSCSPLQDLSVICHTLTLPDPAGRDPTDTFTDI
QTQVNVLLEKLPETHIGAPALQRSISAEQWEELEKINSTLSAEYECRRRMLIKRLDVTVQSFSWSDRAKVKIDQMARAYQ
PKRHSLSVRSSVSLAHLLAARRDICNMVKTSSGSSRQNTSCAVNRILMGRVPDRGG
;
D
4 'polypeptide(L)'
;MFRRKLTALEYHNPTGFDCKDETEFRNFIVWLEDQKIRHYKIEDRGNLRNIPSSDWPKYFEKYLQDVNCPFSVQERQETV
DWLLGLAVRFEYGDNVEKYRNCKPVTETNDVQKSADPLINLDSNNPDFKAGVLALANLLKIQRHDDYLVMLKAIKILVQE
RLTPDAIAKASQAKEGLPVTLDKHILGFDTGDATLNEAAQILRLLHIEELRELQTKINEAIVAVQAIIADPKTDHRLGKV
GR
;
E
5 'polypeptide(L)'
;MASHRTDRTKNPTSNGDVSKVDLLLHPELLSQEFIQLMLQERNIAVSDPEDRDRLTGLYLQHVIPLPQRELPRSRWGKRM
EKS
;
F
#
# COMPACT_ATOMS: atom_id res chain seq x y z
N ASP A 14 -5.56 25.55 1.96
CA ASP A 14 -6.72 24.66 2.04
C ASP A 14 -6.51 23.60 3.12
N ILE A 15 -7.60 23.21 3.79
CA ILE A 15 -7.52 22.21 4.86
C ILE A 15 -7.27 20.81 4.35
N LEU A 16 -7.48 20.55 3.06
CA LEU A 16 -7.26 19.24 2.48
C LEU A 16 -6.52 19.40 1.16
N ALA A 17 -5.80 18.34 0.77
CA ALA A 17 -5.06 18.35 -0.47
C ALA A 17 -5.70 17.42 -1.49
N PRO A 18 -5.61 17.74 -2.78
CA PRO A 18 -6.18 16.85 -3.79
C PRO A 18 -5.34 15.59 -3.93
N THR A 19 -5.85 14.47 -3.43
CA THR A 19 -5.08 13.24 -3.40
C THR A 19 -5.27 12.39 -4.65
N VAL A 20 -6.48 12.36 -5.19
CA VAL A 20 -6.74 11.54 -6.37
C VAL A 20 -6.01 12.12 -7.58
N GLN A 21 -5.98 13.44 -7.72
CA GLN A 21 -5.28 14.06 -8.85
C GLN A 21 -3.78 13.76 -8.79
N GLU A 22 -3.18 13.86 -7.60
CA GLU A 22 -1.76 13.59 -7.49
C GLU A 22 -1.45 12.10 -7.61
N LEU A 23 -2.41 11.24 -7.24
CA LEU A 23 -2.26 9.81 -7.53
C LEU A 23 -2.23 9.56 -9.03
N ALA A 24 -3.12 10.22 -9.77
CA ALA A 24 -3.10 10.09 -11.23
C ALA A 24 -1.79 10.60 -11.80
N ASN A 25 -1.29 11.72 -11.26
CA ASN A 25 0.00 12.23 -11.71
C ASN A 25 1.13 11.23 -11.45
N LEU A 26 1.12 10.58 -10.28
CA LEU A 26 2.13 9.58 -9.98
C LEU A 26 2.04 8.39 -10.94
N GLU A 27 0.82 7.95 -11.25
CA GLU A 27 0.67 6.85 -12.19
C GLU A 27 1.20 7.23 -13.58
N ARG A 28 0.90 8.44 -14.03
CA ARG A 28 1.41 8.89 -15.32
C ARG A 28 2.93 8.95 -15.31
N GLU A 29 3.52 9.45 -14.23
CA GLU A 29 4.98 9.52 -14.14
C GLU A 29 5.60 8.12 -14.17
N ALA A 30 4.96 7.16 -13.49
CA ALA A 30 5.44 5.79 -13.54
C ALA A 30 5.40 5.22 -14.95
N GLN A 31 4.31 5.49 -15.68
CA GLN A 31 4.24 5.03 -17.06
C GLN A 31 5.32 5.66 -17.93
N THR A 32 5.57 6.96 -17.75
CA THR A 32 6.63 7.61 -18.52
C THR A 32 7.99 7.00 -18.22
N SER A 33 8.28 6.73 -16.94
CA SER A 33 9.57 6.12 -16.59
C SER A 33 9.69 4.73 -17.19
N PHE A 34 8.62 3.94 -17.13
CA PHE A 34 8.66 2.60 -17.70
C PHE A 34 8.92 2.65 -19.20
N LEU A 35 8.25 3.56 -19.91
CA LEU A 35 8.48 3.68 -21.34
C LEU A 35 9.91 4.13 -21.64
N HIS A 36 10.40 5.12 -20.89
CA HIS A 36 11.73 5.65 -21.16
C HIS A 36 12.83 4.63 -20.88
N LEU A 37 12.60 3.71 -19.94
CA LEU A 37 13.66 2.76 -19.60
C LEU A 37 13.95 1.81 -20.76
N GLY A 38 12.93 1.19 -21.33
CA GLY A 38 13.17 0.10 -22.24
C GLY A 38 12.45 0.18 -23.58
N TYR A 39 11.81 1.31 -23.86
CA TYR A 39 11.14 1.51 -25.15
C TYR A 39 11.68 2.71 -25.89
N LEU A 40 12.82 3.26 -25.46
CA LEU A 40 13.41 4.41 -26.12
C LEU A 40 14.12 3.97 -27.39
N PRO A 41 13.80 4.56 -28.56
CA PRO A 41 14.43 4.19 -29.83
C PRO A 41 15.76 4.92 -30.05
N ARG B 17 -19.72 -0.85 -55.59
CA ARG B 17 -18.42 -1.10 -56.20
C ARG B 17 -18.28 -2.55 -56.64
N SER B 18 -17.45 -2.77 -57.66
CA SER B 18 -17.18 -4.13 -58.11
C SER B 18 -16.39 -4.88 -57.05
N TYR B 19 -16.59 -6.21 -57.03
CA TYR B 19 -15.91 -7.03 -56.02
C TYR B 19 -14.40 -6.97 -56.18
N ASN B 20 -13.91 -7.03 -57.42
CA ASN B 20 -12.48 -6.89 -57.64
C ASN B 20 -12.02 -5.46 -57.37
N ASP B 21 -12.85 -4.47 -57.71
CA ASP B 21 -12.52 -3.09 -57.37
C ASP B 21 -12.52 -2.88 -55.86
N GLU B 22 -13.31 -3.66 -55.13
CA GLU B 22 -13.26 -3.60 -53.67
C GLU B 22 -12.01 -4.29 -53.13
N LEU B 23 -11.66 -5.46 -53.68
CA LEU B 23 -10.54 -6.23 -53.17
C LEU B 23 -9.18 -5.69 -53.63
N GLN B 24 -9.17 -4.74 -54.57
CA GLN B 24 -7.91 -4.08 -54.92
C GLN B 24 -7.38 -3.22 -53.78
N TYR B 25 -8.21 -2.91 -52.79
CA TYR B 25 -7.82 -2.07 -51.66
C TYR B 25 -7.31 -2.87 -50.47
N LEU B 26 -7.18 -4.17 -50.60
CA LEU B 26 -6.74 -5.03 -49.50
C LEU B 26 -5.43 -5.70 -49.86
N ASP B 27 -4.55 -5.84 -48.88
CA ASP B 27 -3.28 -6.53 -49.08
C ASP B 27 -2.89 -7.21 -47.78
N LYS B 28 -1.69 -7.81 -47.77
CA LYS B 28 -1.19 -8.52 -46.59
C LYS B 28 0.19 -7.98 -46.22
N ILE B 29 0.45 -7.86 -44.92
CA ILE B 29 1.77 -7.47 -44.44
C ILE B 29 2.57 -8.74 -44.18
N HIS B 30 2.07 -9.59 -43.29
CA HIS B 30 2.63 -10.92 -43.08
C HIS B 30 1.48 -11.90 -42.98
N LYS B 31 1.78 -13.12 -42.53
CA LYS B 31 0.82 -14.21 -42.57
C LYS B 31 -0.42 -13.88 -41.74
N ASN B 32 -0.25 -13.29 -40.57
CA ASN B 32 -1.33 -13.04 -39.63
C ASN B 32 -1.65 -11.54 -39.52
N CYS B 33 -1.59 -10.82 -40.65
CA CYS B 33 -1.90 -9.39 -40.64
C CYS B 33 -2.23 -8.96 -42.06
N TRP B 34 -3.46 -8.51 -42.27
CA TRP B 34 -3.85 -7.91 -43.53
C TRP B 34 -3.63 -6.40 -43.44
N ARG B 35 -4.14 -5.66 -44.43
CA ARG B 35 -3.95 -4.22 -44.48
C ARG B 35 -4.96 -3.63 -45.45
N ILE B 36 -5.71 -2.65 -44.98
CA ILE B 36 -6.67 -1.90 -45.78
C ILE B 36 -6.11 -0.51 -45.99
N LYS B 37 -5.67 -0.22 -47.21
CA LYS B 37 -5.06 1.08 -47.49
C LYS B 37 -6.13 2.17 -47.59
N LYS B 38 -5.67 3.41 -47.61
CA LYS B 38 -6.57 4.55 -47.71
C LYS B 38 -7.35 4.51 -49.02
N GLY B 39 -8.60 4.93 -48.96
CA GLY B 39 -9.49 4.93 -50.11
C GLY B 39 -10.61 3.93 -50.04
N PHE B 40 -10.58 3.01 -49.07
CA PHE B 40 -11.67 2.05 -48.92
C PHE B 40 -12.98 2.78 -48.62
N VAL B 41 -12.92 3.80 -47.77
CA VAL B 41 -14.09 4.63 -47.45
C VAL B 41 -13.67 6.09 -47.54
N PRO B 42 -14.62 7.00 -47.76
CA PRO B 42 -14.26 8.41 -47.90
C PRO B 42 -13.67 9.01 -46.63
N ASN B 43 -12.82 10.00 -46.82
CA ASN B 43 -12.26 10.82 -45.74
C ASN B 43 -11.52 9.99 -44.70
N MET B 44 -10.79 8.97 -45.16
CA MET B 44 -9.94 8.22 -44.26
C MET B 44 -8.79 9.08 -43.76
N LEU B 45 -8.26 8.73 -42.58
CA LEU B 45 -7.10 9.39 -42.02
C LEU B 45 -5.88 8.50 -41.91
N VAL B 46 -6.06 7.18 -41.83
CA VAL B 46 -4.94 6.26 -41.75
C VAL B 46 -5.45 4.87 -42.12
N GLU B 47 -4.54 4.01 -42.56
CA GLU B 47 -4.92 2.68 -43.02
C GLU B 47 -5.35 1.80 -41.84
N GLY B 48 -6.24 0.84 -42.13
CA GLY B 48 -6.69 -0.11 -41.16
C GLY B 48 -6.02 -1.46 -41.33
N VAL B 49 -6.05 -2.25 -40.25
CA VAL B 49 -5.46 -3.59 -40.26
C VAL B 49 -6.35 -4.52 -39.44
N PHE B 50 -6.18 -5.82 -39.67
CA PHE B 50 -6.84 -6.83 -38.85
C PHE B 50 -6.01 -8.10 -38.86
N TYR B 51 -6.06 -8.83 -37.75
CA TYR B 51 -5.27 -10.04 -37.56
C TYR B 51 -6.17 -11.24 -37.74
N VAL B 52 -5.95 -11.99 -38.81
CA VAL B 52 -6.74 -13.18 -39.12
C VAL B 52 -5.82 -14.26 -39.66
N ASN B 53 -6.17 -15.51 -39.39
CA ASN B 53 -5.49 -16.66 -39.97
C ASN B 53 -6.26 -17.12 -41.21
N ASP B 54 -5.87 -18.26 -41.77
CA ASP B 54 -6.53 -18.76 -42.97
C ASP B 54 -8.02 -19.04 -42.76
N PRO B 55 -8.46 -19.73 -41.70
CA PRO B 55 -9.92 -19.90 -41.51
C PRO B 55 -10.67 -18.59 -41.36
N LEU B 56 -10.06 -17.59 -40.71
CA LEU B 56 -10.76 -16.32 -40.49
C LEU B 56 -10.84 -15.49 -41.76
N GLU B 57 -9.85 -15.62 -42.64
CA GLU B 57 -9.88 -14.90 -43.91
C GLU B 57 -11.09 -15.29 -44.73
N LYS B 58 -11.40 -16.59 -44.78
CA LYS B 58 -12.54 -17.05 -45.55
C LYS B 58 -13.84 -16.43 -45.05
N LEU B 59 -14.03 -16.42 -43.72
CA LEU B 59 -15.25 -15.86 -43.16
C LEU B 59 -15.36 -14.36 -43.43
N MET B 60 -14.26 -13.63 -43.22
CA MET B 60 -14.28 -12.19 -43.45
C MET B 60 -14.57 -11.87 -44.91
N PHE B 61 -13.95 -12.61 -45.84
CA PHE B 61 -14.11 -12.31 -47.25
C PHE B 61 -15.50 -12.72 -47.74
N GLU B 62 -16.04 -13.82 -47.23
CA GLU B 62 -17.42 -14.18 -47.57
C GLU B 62 -18.39 -13.12 -47.08
N GLU B 63 -18.17 -12.60 -45.87
CA GLU B 63 -19.02 -11.51 -45.38
C GLU B 63 -18.91 -10.28 -46.28
N LEU B 64 -17.68 -9.92 -46.67
CA LEU B 64 -17.51 -8.76 -47.53
C LEU B 64 -18.18 -8.95 -48.89
N ARG B 65 -18.03 -10.14 -49.48
CA ARG B 65 -18.63 -10.41 -50.77
C ARG B 65 -20.15 -10.36 -50.69
N ASN B 66 -20.74 -10.95 -49.64
CA ASN B 66 -22.18 -10.91 -49.49
C ASN B 66 -22.68 -9.50 -49.25
N ALA B 67 -21.92 -8.69 -48.50
CA ALA B 67 -22.30 -7.30 -48.30
C ALA B 67 -22.25 -6.52 -49.61
N CYS B 68 -21.23 -6.77 -50.44
CA CYS B 68 -21.13 -6.07 -51.71
C CYS B 68 -22.20 -6.53 -52.70
N ARG B 69 -22.68 -7.76 -52.55
CA ARG B 69 -23.72 -8.29 -53.43
C ARG B 69 -25.05 -7.60 -53.18
N GLY B 74 -28.77 -6.41 -46.18
CA GLY B 74 -28.85 -6.17 -44.75
C GLY B 74 -28.55 -4.75 -44.35
N GLY B 75 -29.11 -4.31 -43.22
CA GLY B 75 -28.89 -2.97 -42.73
C GLY B 75 -27.61 -2.74 -41.97
N PHE B 76 -26.80 -3.78 -41.79
CA PHE B 76 -25.55 -3.67 -41.07
C PHE B 76 -24.39 -3.66 -42.05
N LEU B 77 -23.45 -2.72 -41.85
CA LEU B 77 -22.27 -2.65 -42.67
C LEU B 77 -21.37 -3.85 -42.41
N PRO B 78 -20.50 -4.20 -43.36
CA PRO B 78 -19.52 -5.26 -43.09
C PRO B 78 -18.49 -4.80 -42.08
N ALA B 79 -17.83 -5.77 -41.47
CA ALA B 79 -16.85 -5.48 -40.43
C ALA B 79 -15.71 -4.62 -40.96
N MET B 80 -15.23 -4.92 -42.16
CA MET B 80 -14.15 -4.13 -42.75
C MET B 80 -14.60 -2.69 -43.01
N LYS B 81 -15.82 -2.51 -43.49
CA LYS B 81 -16.30 -1.15 -43.74
C LYS B 81 -16.50 -0.40 -42.44
N GLN B 82 -16.93 -1.08 -41.37
CA GLN B 82 -17.03 -0.40 -40.08
C GLN B 82 -15.66 -0.01 -39.54
N ILE B 83 -14.66 -0.88 -39.74
CA ILE B 83 -13.29 -0.51 -39.43
C ILE B 83 -12.89 0.74 -40.20
N GLY B 84 -13.26 0.80 -41.48
CA GLY B 84 -12.94 1.96 -42.29
C GLY B 84 -13.58 3.24 -41.79
N ASN B 85 -14.87 3.17 -41.45
CA ASN B 85 -15.55 4.33 -40.90
C ASN B 85 -14.92 4.78 -39.59
N VAL B 86 -14.52 3.81 -38.74
CA VAL B 86 -13.82 4.15 -37.51
C VAL B 86 -12.51 4.84 -37.81
N ALA B 87 -11.83 4.42 -38.87
CA ALA B 87 -10.53 4.95 -39.27
C ALA B 87 -10.61 6.37 -39.82
N ALA B 88 -11.75 7.04 -39.77
CA ALA B 88 -11.89 8.38 -40.30
C ALA B 88 -12.09 9.45 -39.24
N LEU B 89 -12.38 9.07 -38.00
CA LEU B 89 -12.68 10.04 -36.97
C LEU B 89 -11.45 10.88 -36.64
N PRO B 90 -11.66 12.14 -36.24
CA PRO B 90 -10.51 13.01 -35.98
C PRO B 90 -9.72 12.56 -34.77
N GLY B 91 -8.43 12.87 -34.78
CA GLY B 91 -7.55 12.60 -33.68
C GLY B 91 -6.98 11.20 -33.60
N ILE B 92 -7.46 10.27 -34.42
CA ILE B 92 -7.01 8.89 -34.34
C ILE B 92 -5.56 8.79 -34.79
N VAL B 93 -4.77 8.04 -34.04
CA VAL B 93 -3.35 7.88 -34.32
C VAL B 93 -3.05 6.39 -34.53
N HIS B 94 -1.86 6.11 -35.03
CA HIS B 94 -1.41 4.75 -35.39
C HIS B 94 -2.40 4.22 -36.43
N ARG B 95 -2.96 3.03 -36.26
CA ARG B 95 -3.91 2.47 -37.22
C ARG B 95 -5.11 1.92 -36.48
N SER B 96 -6.25 1.88 -37.17
CA SER B 96 -7.40 1.15 -36.65
C SER B 96 -7.09 -0.34 -36.68
N ILE B 97 -7.48 -1.04 -35.63
CA ILE B 97 -7.10 -2.44 -35.43
C ILE B 97 -8.35 -3.28 -35.26
N GLY B 98 -8.38 -4.42 -35.93
CA GLY B 98 -9.44 -5.38 -35.73
C GLY B 98 -8.90 -6.68 -35.15
N LEU B 99 -9.23 -6.96 -33.90
CA LEU B 99 -8.75 -8.15 -33.25
C LEU B 99 -9.40 -9.39 -33.87
N PRO B 100 -8.77 -10.56 -33.74
CA PRO B 100 -9.24 -11.75 -34.49
C PRO B 100 -10.69 -12.15 -34.23
N ASP B 101 -11.38 -11.46 -33.34
CA ASP B 101 -12.79 -11.71 -33.09
C ASP B 101 -13.68 -10.56 -33.55
N VAL B 102 -13.19 -9.72 -34.45
CA VAL B 102 -13.93 -8.53 -34.85
C VAL B 102 -15.19 -8.92 -35.62
N HIS B 103 -16.30 -8.27 -35.29
CA HIS B 103 -17.55 -8.49 -36.00
C HIS B 103 -18.41 -7.25 -35.87
N SER B 104 -19.43 -7.16 -36.72
CA SER B 104 -20.19 -5.93 -36.87
C SER B 104 -20.99 -5.60 -35.61
N GLY B 105 -21.07 -4.31 -35.30
CA GLY B 105 -21.81 -3.86 -34.14
C GLY B 105 -22.19 -2.40 -34.27
N TYR B 106 -22.97 -1.94 -33.30
CA TYR B 106 -23.42 -0.55 -33.28
C TYR B 106 -22.24 0.40 -33.22
N GLY B 107 -22.24 1.41 -34.09
CA GLY B 107 -21.16 2.37 -34.12
C GLY B 107 -19.81 1.74 -34.43
N PHE B 108 -18.94 1.66 -33.41
CA PHE B 108 -17.71 0.90 -33.55
C PHE B 108 -18.02 -0.58 -33.69
N ALA B 109 -17.21 -1.27 -34.48
CA ALA B 109 -17.36 -2.72 -34.62
C ALA B 109 -17.02 -3.42 -33.31
N ILE B 110 -17.74 -4.51 -33.03
CA ILE B 110 -17.44 -5.31 -31.85
C ILE B 110 -16.06 -5.95 -32.03
N GLY B 111 -15.19 -5.75 -31.06
CA GLY B 111 -13.83 -6.21 -31.19
C GLY B 111 -12.91 -5.24 -31.90
N ASN B 112 -13.36 -4.02 -32.18
CA ASN B 112 -12.53 -3.02 -32.82
C ASN B 112 -11.84 -2.14 -31.77
N MET B 113 -10.65 -1.68 -32.10
CA MET B 113 -9.81 -0.91 -31.19
C MET B 113 -9.38 0.38 -31.86
N ALA B 114 -9.39 1.47 -31.09
CA ALA B 114 -9.00 2.78 -31.62
C ALA B 114 -8.56 3.67 -30.47
N ALA B 115 -7.42 4.34 -30.65
CA ALA B 115 -6.85 5.22 -29.66
C ALA B 115 -6.73 6.63 -30.22
N PHE B 116 -7.20 7.62 -29.48
CA PHE B 116 -7.19 9.01 -29.89
C PHE B 116 -6.27 9.80 -28.99
N ASP B 117 -5.43 10.65 -29.60
CA ASP B 117 -4.46 11.43 -28.85
C ASP B 117 -5.14 12.66 -28.26
N MET B 118 -5.03 12.82 -26.94
CA MET B 118 -5.65 13.95 -26.26
C MET B 118 -5.03 15.29 -26.65
N GLU B 119 -3.78 15.30 -27.11
CA GLU B 119 -3.10 16.56 -27.41
C GLU B 119 -3.80 17.32 -28.52
N ASN B 120 -4.25 16.61 -29.55
CA ASN B 120 -4.97 17.26 -30.65
C ASN B 120 -6.35 17.67 -30.18
N PRO B 121 -6.71 18.96 -30.24
CA PRO B 121 -8.06 19.36 -29.84
C PRO B 121 -9.15 18.76 -30.71
N ASP B 122 -8.82 18.32 -31.93
CA ASP B 122 -9.79 17.67 -32.79
C ASP B 122 -10.18 16.28 -32.31
N ALA B 123 -9.49 15.74 -31.31
CA ALA B 123 -9.78 14.40 -30.82
C ALA B 123 -11.20 14.33 -30.25
N VAL B 124 -11.82 13.16 -30.40
CA VAL B 124 -13.21 12.97 -30.02
C VAL B 124 -13.35 11.71 -29.18
N VAL B 125 -14.45 11.65 -28.45
CA VAL B 125 -14.87 10.44 -27.75
C VAL B 125 -16.03 9.83 -28.52
N SER B 126 -16.42 8.63 -28.13
CA SER B 126 -17.53 7.98 -28.79
C SER B 126 -18.30 7.08 -27.83
N PRO B 127 -19.56 7.40 -27.52
CA PRO B 127 -20.35 6.50 -26.67
C PRO B 127 -20.48 5.11 -27.23
N GLY B 128 -20.52 4.96 -28.56
CA GLY B 128 -20.55 3.64 -29.15
C GLY B 128 -19.21 2.92 -29.10
N GLY B 129 -18.11 3.66 -28.97
CA GLY B 129 -16.81 3.03 -28.87
C GLY B 129 -16.63 2.25 -27.58
N VAL B 130 -17.08 2.82 -26.46
CA VAL B 130 -16.98 2.13 -25.18
C VAL B 130 -17.96 0.96 -25.13
N GLY B 131 -19.20 1.18 -25.57
CA GLY B 131 -20.19 0.13 -25.57
C GLY B 131 -21.42 0.45 -24.75
N PHE B 132 -22.54 -0.20 -25.06
CA PHE B 132 -23.77 0.04 -24.31
C PHE B 132 -23.67 -0.51 -22.89
N ASP B 133 -23.20 -1.74 -22.74
CA ASP B 133 -22.98 -2.34 -21.43
C ASP B 133 -21.59 -1.93 -20.97
N ILE B 134 -21.52 -0.82 -20.24
CA ILE B 134 -20.24 -0.24 -19.88
C ILE B 134 -19.54 -1.13 -18.86
N ASN B 135 -18.32 -1.53 -19.16
CA ASN B 135 -17.43 -2.21 -18.21
C ASN B 135 -18.00 -3.53 -17.73
N CYS B 136 -18.31 -4.41 -18.67
CA CYS B 136 -18.65 -5.79 -18.34
C CYS B 136 -17.38 -6.62 -18.45
N GLY B 137 -17.15 -7.50 -17.48
CA GLY B 137 -15.88 -8.18 -17.40
C GLY B 137 -15.97 -9.52 -16.72
N VAL B 138 -14.81 -10.16 -16.60
CA VAL B 138 -14.65 -11.52 -16.10
C VAL B 138 -13.70 -11.47 -14.92
N ARG B 139 -14.10 -12.12 -13.82
CA ARG B 139 -13.26 -12.26 -12.64
C ARG B 139 -13.09 -13.73 -12.32
N LEU B 140 -11.86 -14.15 -12.05
CA LEU B 140 -11.54 -15.55 -11.80
C LEU B 140 -11.17 -15.76 -10.34
N LEU B 141 -11.71 -16.82 -9.74
CA LEU B 141 -11.37 -17.25 -8.39
C LEU B 141 -10.80 -18.65 -8.44
N ARG B 142 -9.70 -18.87 -7.72
CA ARG B 142 -9.08 -20.19 -7.64
C ARG B 142 -9.48 -20.86 -6.33
N THR B 143 -9.53 -22.19 -6.35
CA THR B 143 -9.89 -22.95 -5.17
C THR B 143 -9.01 -24.20 -5.14
N ASN B 144 -8.57 -24.59 -3.95
CA ASN B 144 -7.56 -25.62 -3.80
C ASN B 144 -8.13 -27.04 -3.82
N LEU B 145 -9.41 -27.21 -4.10
CA LEU B 145 -9.99 -28.54 -4.20
C LEU B 145 -9.66 -29.16 -5.56
N ASP B 146 -10.28 -30.28 -5.87
CA ASP B 146 -10.07 -30.98 -7.13
C ASP B 146 -11.41 -31.34 -7.75
N GLU B 147 -11.37 -31.74 -9.03
CA GLU B 147 -12.60 -32.11 -9.71
C GLU B 147 -13.26 -33.31 -9.06
N GLY B 148 -12.46 -34.30 -8.65
CA GLY B 148 -12.99 -35.47 -7.96
C GLY B 148 -13.52 -35.18 -6.57
N ASP B 149 -13.27 -33.99 -6.03
CA ASP B 149 -13.83 -33.58 -4.75
C ASP B 149 -15.14 -32.83 -4.91
N VAL B 150 -15.23 -31.94 -5.89
CA VAL B 150 -16.47 -31.22 -6.15
C VAL B 150 -17.52 -32.16 -6.75
N GLN B 151 -17.09 -33.08 -7.61
CA GLN B 151 -18.03 -33.93 -8.35
C GLN B 151 -19.01 -34.69 -7.46
N PRO B 152 -18.62 -35.30 -6.34
CA PRO B 152 -19.64 -35.98 -5.51
C PRO B 152 -20.74 -35.06 -5.01
N VAL B 153 -20.43 -33.79 -4.76
CA VAL B 153 -21.42 -32.83 -4.28
C VAL B 153 -21.67 -31.78 -5.35
N LYS B 154 -21.48 -32.16 -6.61
CA LYS B 154 -21.62 -31.20 -7.71
C LYS B 154 -23.03 -30.65 -7.81
N GLU B 155 -24.03 -31.54 -7.71
CA GLU B 155 -25.42 -31.09 -7.80
C GLU B 155 -25.79 -30.18 -6.64
N GLN B 156 -25.37 -30.54 -5.42
CA GLN B 156 -25.64 -29.69 -4.26
C GLN B 156 -24.99 -28.33 -4.41
N LEU B 157 -23.73 -28.31 -4.87
CA LEU B 157 -23.04 -27.04 -5.06
C LEU B 157 -23.72 -26.19 -6.12
N ALA B 158 -24.15 -26.82 -7.23
CA ALA B 158 -24.84 -26.06 -8.28
C ALA B 158 -26.16 -25.48 -7.76
N GLN B 159 -26.92 -26.28 -7.00
CA GLN B 159 -28.16 -25.77 -6.44
C GLN B 159 -27.93 -24.63 -5.46
N SER B 160 -26.90 -24.77 -4.61
CA SER B 160 -26.59 -23.71 -3.65
C SER B 160 -26.15 -22.44 -4.35
N LEU B 161 -25.36 -22.55 -5.41
CA LEU B 161 -24.94 -21.38 -6.17
C LEU B 161 -26.14 -20.74 -6.88
N PHE B 162 -27.02 -21.55 -7.45
CA PHE B 162 -28.20 -21.02 -8.13
C PHE B 162 -29.10 -20.26 -7.16
N ASP B 163 -29.32 -20.83 -5.97
CA ASP B 163 -30.21 -20.20 -5.00
C ASP B 163 -29.57 -19.00 -4.32
N HIS B 164 -28.25 -19.04 -4.10
CA HIS B 164 -27.58 -17.99 -3.35
C HIS B 164 -27.43 -16.71 -4.16
N ILE B 165 -27.09 -16.83 -5.45
CA ILE B 165 -26.89 -15.68 -6.30
C ILE B 165 -28.20 -15.40 -7.04
N PRO B 166 -28.78 -14.21 -6.90
CA PRO B 166 -29.98 -13.88 -7.69
C PRO B 166 -29.62 -13.62 -9.15
N VAL B 167 -30.03 -14.53 -10.04
CA VAL B 167 -29.73 -14.44 -11.47
C VAL B 167 -31.04 -14.45 -12.24
N GLY B 168 -31.19 -13.51 -13.16
CA GLY B 168 -32.36 -13.42 -14.00
C GLY B 168 -32.83 -11.98 -14.14
N VAL B 169 -33.70 -11.76 -15.12
CA VAL B 169 -34.25 -10.43 -15.36
C VAL B 169 -35.30 -10.11 -14.31
N GLY B 170 -35.18 -8.93 -13.70
CA GLY B 170 -36.12 -8.51 -12.68
C GLY B 170 -35.77 -8.95 -11.28
N SER B 171 -34.74 -9.77 -11.11
CA SER B 171 -34.33 -10.20 -9.79
C SER B 171 -33.68 -9.05 -9.02
N LYS B 172 -33.84 -9.07 -7.70
CA LYS B 172 -33.31 -8.04 -6.83
C LYS B 172 -32.17 -8.59 -6.00
N GLY B 173 -31.19 -7.74 -5.71
CA GLY B 173 -30.06 -8.17 -4.91
C GLY B 173 -30.49 -8.57 -3.51
N VAL B 174 -29.91 -9.67 -3.02
CA VAL B 174 -30.25 -10.16 -1.70
C VAL B 174 -29.84 -9.13 -0.64
N ILE B 175 -28.63 -8.60 -0.76
CA ILE B 175 -28.18 -7.56 0.17
C ILE B 175 -28.92 -6.26 -0.13
N PRO B 176 -29.28 -5.47 0.88
CA PRO B 176 -30.02 -4.24 0.62
C PRO B 176 -29.13 -3.09 0.20
N MET B 177 -29.75 -2.08 -0.42
CA MET B 177 -29.04 -0.88 -0.83
C MET B 177 -30.01 0.30 -0.82
N GLY B 178 -29.44 1.49 -0.80
CA GLY B 178 -30.23 2.71 -0.83
C GLY B 178 -29.67 3.74 -1.78
N ALA B 179 -30.13 4.99 -1.66
CA ALA B 179 -29.58 6.05 -2.50
C ALA B 179 -28.19 6.46 -2.06
N LYS B 180 -27.97 6.58 -0.74
CA LYS B 180 -26.66 6.96 -0.24
C LYS B 180 -25.63 5.88 -0.53
N ASP B 181 -25.99 4.61 -0.35
CA ASP B 181 -25.07 3.52 -0.64
C ASP B 181 -24.71 3.49 -2.11
N LEU B 182 -25.71 3.66 -2.98
CA LEU B 182 -25.43 3.65 -4.42
C LEU B 182 -24.54 4.83 -4.82
N GLU B 183 -24.80 6.02 -4.25
CA GLU B 183 -23.98 7.16 -4.57
C GLU B 183 -22.53 6.95 -4.11
N GLU B 184 -22.35 6.40 -2.92
CA GLU B 184 -21.00 6.13 -2.42
C GLU B 184 -20.30 5.08 -3.27
N ALA B 185 -21.03 4.04 -3.70
CA ALA B 185 -20.44 3.03 -4.56
C ALA B 185 -20.03 3.62 -5.91
N LEU B 186 -20.86 4.51 -6.46
CA LEU B 186 -20.50 5.18 -7.70
C LEU B 186 -19.25 6.03 -7.52
N GLU B 187 -19.16 6.73 -6.39
CA GLU B 187 -18.02 7.63 -6.18
C GLU B 187 -16.72 6.86 -5.98
N MET B 188 -16.75 5.80 -5.17
CA MET B 188 -15.53 5.09 -4.79
C MET B 188 -15.30 3.82 -5.60
N GLY B 189 -16.24 2.89 -5.55
CA GLY B 189 -16.08 1.65 -6.30
C GLY B 189 -15.75 0.47 -5.41
N VAL B 190 -14.67 -0.25 -5.74
CA VAL B 190 -14.25 -1.39 -4.94
C VAL B 190 -13.89 -0.98 -3.52
N ASP B 191 -13.52 0.29 -3.32
CA ASP B 191 -13.23 0.77 -1.97
C ASP B 191 -14.46 0.68 -1.06
N TRP B 192 -15.64 1.03 -1.58
CA TRP B 192 -16.85 0.90 -0.79
C TRP B 192 -17.16 -0.56 -0.46
N SER B 193 -17.03 -1.45 -1.45
CA SER B 193 -17.28 -2.86 -1.20
C SER B 193 -16.28 -3.46 -0.24
N LEU B 194 -15.06 -2.91 -0.20
CA LEU B 194 -14.03 -3.46 0.66
C LEU B 194 -14.10 -2.86 2.06
N ARG B 195 -14.71 -1.66 2.18
CA ARG B 195 -14.89 -1.05 3.48
C ARG B 195 -16.01 -1.73 4.26
N GLU B 196 -17.11 -2.07 3.59
CA GLU B 196 -18.22 -2.75 4.26
C GLU B 196 -17.89 -4.17 4.64
N GLY B 197 -16.77 -4.72 4.17
CA GLY B 197 -16.40 -6.08 4.49
C GLY B 197 -16.77 -7.11 3.44
N TYR B 198 -17.16 -6.68 2.23
CA TYR B 198 -17.56 -7.62 1.20
C TYR B 198 -16.37 -8.20 0.45
N ALA B 199 -15.20 -7.57 0.53
CA ALA B 199 -14.04 -8.03 -0.23
C ALA B 199 -12.78 -7.82 0.58
N TRP B 200 -11.85 -8.78 0.50
CA TRP B 200 -10.60 -8.68 1.23
C TRP B 200 -9.67 -7.67 0.59
N ALA B 201 -8.51 -7.47 1.22
CA ALA B 201 -7.51 -6.57 0.68
C ALA B 201 -6.87 -7.10 -0.59
N GLU B 202 -6.88 -8.42 -0.79
CA GLU B 202 -6.27 -9.00 -1.98
C GLU B 202 -7.11 -8.75 -3.22
N ASP B 203 -8.43 -8.61 -3.06
CA ASP B 203 -9.30 -8.43 -4.21
C ASP B 203 -8.99 -7.12 -4.94
N LYS B 204 -8.70 -6.06 -4.19
CA LYS B 204 -8.36 -4.78 -4.82
C LYS B 204 -7.05 -4.88 -5.59
N GLU B 205 -6.13 -5.73 -5.15
CA GLU B 205 -4.84 -5.87 -5.83
C GLU B 205 -5.01 -6.46 -7.22
N HIS B 206 -5.73 -7.57 -7.32
CA HIS B 206 -5.88 -8.29 -8.59
C HIS B 206 -7.15 -7.81 -9.29
N CYS B 207 -7.12 -6.53 -9.66
CA CYS B 207 -8.21 -5.91 -10.41
C CYS B 207 -7.61 -4.89 -11.37
N GLU B 208 -8.20 -4.80 -12.56
CA GLU B 208 -7.76 -3.79 -13.51
C GLU B 208 -8.07 -2.41 -12.95
N GLU B 209 -7.19 -1.45 -13.24
CA GLU B 209 -7.27 -0.10 -12.70
C GLU B 209 -7.31 -0.09 -11.17
N TYR B 210 -6.91 -1.20 -10.55
CA TYR B 210 -6.98 -1.39 -9.10
C TYR B 210 -8.40 -1.21 -8.59
N GLY B 211 -9.38 -1.61 -9.40
CA GLY B 211 -10.75 -1.73 -8.95
C GLY B 211 -11.58 -0.48 -9.05
N ARG B 212 -10.98 0.69 -9.25
CA ARG B 212 -11.75 1.92 -9.28
C ARG B 212 -11.16 2.88 -10.31
N MET B 213 -11.99 3.80 -10.79
CA MET B 213 -11.60 4.81 -11.75
C MET B 213 -11.47 6.15 -11.03
N LEU B 214 -10.34 6.83 -11.25
CA LEU B 214 -10.00 7.99 -10.44
C LEU B 214 -10.98 9.14 -10.69
N GLN B 215 -11.21 9.49 -11.95
CA GLN B 215 -12.13 10.58 -12.26
C GLN B 215 -13.54 10.00 -12.40
N ALA B 216 -14.46 10.51 -11.59
CA ALA B 216 -15.83 10.03 -11.55
C ALA B 216 -16.66 10.98 -10.72
N ASP B 217 -17.88 11.25 -11.17
CA ASP B 217 -18.80 12.13 -10.46
C ASP B 217 -20.19 11.51 -10.47
N PRO B 218 -20.73 11.09 -9.33
CA PRO B 218 -22.09 10.55 -9.33
C PRO B 218 -23.14 11.54 -9.80
N ASN B 219 -22.96 12.83 -9.54
CA ASN B 219 -23.92 13.82 -9.98
C ASN B 219 -23.92 14.03 -11.49
N LYS B 220 -22.90 13.52 -12.19
CA LYS B 220 -22.90 13.53 -13.65
C LYS B 220 -23.74 12.41 -14.25
N VAL B 221 -24.27 11.53 -13.42
CA VAL B 221 -25.16 10.47 -13.85
C VAL B 221 -26.60 10.96 -13.75
N SER B 222 -27.41 10.63 -14.76
CA SER B 222 -28.82 10.97 -14.72
C SER B 222 -29.52 10.20 -13.62
N SER B 223 -30.44 10.86 -12.91
CA SER B 223 -31.12 10.23 -11.79
C SER B 223 -31.98 9.04 -12.23
N LYS B 224 -32.42 9.03 -13.49
CA LYS B 224 -33.18 7.88 -13.97
C LYS B 224 -32.36 6.62 -13.94
N ALA B 225 -31.08 6.70 -14.32
CA ALA B 225 -30.20 5.54 -14.27
C ALA B 225 -30.03 5.05 -12.84
N LYS B 226 -29.82 5.97 -11.89
CA LYS B 226 -29.67 5.58 -10.50
C LYS B 226 -30.93 4.92 -9.97
N LYS B 227 -32.10 5.45 -10.33
CA LYS B 227 -33.35 4.82 -9.91
C LYS B 227 -33.50 3.43 -10.50
N ARG B 228 -33.16 3.27 -11.78
CA ARG B 228 -33.33 1.98 -12.44
C ARG B 228 -32.37 0.93 -11.86
N GLY B 229 -31.13 1.31 -11.62
CA GLY B 229 -30.12 0.36 -11.20
C GLY B 229 -30.01 0.10 -9.72
N LEU B 230 -30.89 0.68 -8.90
CA LEU B 230 -30.81 0.46 -7.46
C LEU B 230 -31.02 -1.01 -7.08
N PRO B 231 -32.07 -1.70 -7.54
CA PRO B 231 -32.26 -3.10 -7.14
C PRO B 231 -31.47 -4.10 -7.97
N GLN B 232 -30.73 -3.65 -8.99
CA GLN B 232 -30.07 -4.57 -9.90
C GLN B 232 -28.70 -5.03 -9.44
N LEU B 233 -28.16 -4.45 -8.35
CA LEU B 233 -26.83 -4.81 -7.90
C LEU B 233 -26.80 -6.24 -7.38
N GLY B 234 -25.70 -6.94 -7.65
CA GLY B 234 -25.56 -8.32 -7.25
C GLY B 234 -26.29 -9.31 -8.12
N THR B 235 -26.94 -8.86 -9.20
CA THR B 235 -27.71 -9.72 -10.08
C THR B 235 -26.93 -9.98 -11.36
N LEU B 236 -26.87 -11.25 -11.76
CA LEU B 236 -26.11 -11.60 -12.96
C LEU B 236 -26.73 -10.99 -14.21
N GLY B 237 -28.05 -11.03 -14.33
CA GLY B 237 -28.71 -10.58 -15.53
C GLY B 237 -28.77 -11.66 -16.59
N ALA B 238 -29.34 -11.31 -17.73
CA ALA B 238 -29.49 -12.22 -18.85
C ALA B 238 -28.46 -11.92 -19.93
N GLY B 239 -28.34 -12.86 -20.87
CA GLY B 239 -27.40 -12.72 -21.96
C GLY B 239 -26.18 -13.60 -21.81
N ASN B 240 -25.00 -13.00 -21.89
CA ASN B 240 -23.74 -13.73 -21.75
C ASN B 240 -23.21 -13.75 -20.32
N HIS B 241 -23.97 -13.21 -19.37
CA HIS B 241 -23.51 -13.15 -17.99
C HIS B 241 -23.72 -14.48 -17.30
N TYR B 242 -22.72 -14.90 -16.51
CA TYR B 242 -22.78 -16.17 -15.81
C TYR B 242 -21.79 -16.14 -14.64
N ALA B 243 -21.86 -17.18 -13.81
CA ALA B 243 -20.98 -17.34 -12.66
C ALA B 243 -20.48 -18.78 -12.60
N GLU B 244 -20.03 -19.30 -13.74
CA GLU B 244 -19.79 -20.73 -13.89
C GLU B 244 -18.59 -21.19 -13.08
N ILE B 245 -18.53 -22.50 -12.86
CA ILE B 245 -17.44 -23.17 -12.16
C ILE B 245 -16.88 -24.24 -13.09
N GLN B 246 -15.55 -24.35 -13.12
CA GLN B 246 -14.82 -25.13 -14.10
C GLN B 246 -13.57 -25.75 -13.48
N VAL B 247 -12.94 -26.64 -14.24
CA VAL B 247 -11.76 -27.39 -13.82
C VAL B 247 -10.64 -27.12 -14.81
N VAL B 248 -9.42 -26.98 -14.28
CA VAL B 248 -8.26 -26.81 -15.13
C VAL B 248 -8.08 -28.03 -16.02
N ASP B 249 -7.79 -27.80 -17.30
CA ASP B 249 -7.63 -28.88 -18.27
C ASP B 249 -6.18 -29.08 -18.70
N GLU B 250 -5.45 -28.00 -19.00
CA GLU B 250 -4.08 -28.13 -19.44
C GLU B 250 -3.30 -26.88 -19.03
N ILE B 251 -1.99 -27.02 -18.97
CA ILE B 251 -1.08 -25.92 -18.65
C ILE B 251 -0.06 -25.82 -19.78
N TYR B 252 0.05 -24.65 -20.38
CA TYR B 252 1.02 -24.41 -21.44
C TYR B 252 2.25 -23.67 -20.97
N ASN B 253 2.14 -22.87 -19.91
CA ASN B 253 3.27 -22.16 -19.32
C ASN B 253 3.32 -22.53 -17.84
N ASP B 254 4.30 -23.36 -17.48
CA ASP B 254 4.40 -23.82 -16.09
C ASP B 254 4.70 -22.65 -15.14
N TYR B 255 5.60 -21.75 -15.54
CA TYR B 255 5.94 -20.62 -14.68
C TYR B 255 4.74 -19.70 -14.49
N ALA B 256 4.02 -19.40 -15.58
CA ALA B 256 2.86 -18.53 -15.46
C ALA B 256 1.76 -19.15 -14.60
N ALA B 257 1.50 -20.45 -14.80
CA ALA B 257 0.49 -21.12 -14.00
C ALA B 257 0.89 -21.15 -12.53
N LYS B 258 2.16 -21.40 -12.23
CA LYS B 258 2.62 -21.40 -10.85
C LYS B 258 2.50 -20.01 -10.23
N LYS B 259 2.81 -18.96 -11.01
CA LYS B 259 2.64 -17.61 -10.51
C LYS B 259 1.18 -17.30 -10.21
N MET B 260 0.28 -17.73 -11.09
CA MET B 260 -1.15 -17.50 -10.88
C MET B 260 -1.72 -18.31 -9.73
N GLY B 261 -1.00 -19.29 -9.22
CA GLY B 261 -1.47 -20.11 -8.13
C GLY B 261 -2.02 -21.46 -8.52
N ILE B 262 -1.97 -21.83 -9.79
CA ILE B 262 -2.43 -23.11 -10.26
C ILE B 262 -1.21 -23.93 -10.65
N ASP B 263 -0.90 -24.97 -9.88
CA ASP B 263 0.29 -25.77 -10.11
C ASP B 263 0.01 -27.10 -10.80
N HIS B 264 -1.01 -27.82 -10.36
CA HIS B 264 -1.33 -29.13 -10.91
C HIS B 264 -2.71 -29.13 -11.53
N LYS B 265 -2.92 -30.03 -12.48
CA LYS B 265 -4.18 -30.13 -13.18
C LYS B 265 -5.28 -30.62 -12.24
N GLY B 266 -6.53 -30.47 -12.69
CA GLY B 266 -7.66 -30.86 -11.89
C GLY B 266 -8.11 -29.84 -10.87
N GLN B 267 -7.44 -28.69 -10.78
CA GLN B 267 -7.82 -27.65 -9.83
C GLN B 267 -9.15 -27.04 -10.23
N VAL B 268 -9.81 -26.41 -9.26
CA VAL B 268 -11.15 -25.85 -9.43
C VAL B 268 -11.03 -24.33 -9.50
N CYS B 269 -11.77 -23.73 -10.44
CA CYS B 269 -11.84 -22.28 -10.56
C CYS B 269 -13.27 -21.87 -10.86
N VAL B 270 -13.56 -20.60 -10.63
CA VAL B 270 -14.90 -20.05 -10.82
C VAL B 270 -14.76 -18.68 -11.46
N MET B 271 -15.32 -18.51 -12.66
CA MET B 271 -15.31 -17.21 -13.32
C MET B 271 -16.70 -16.60 -13.28
N ILE B 272 -16.76 -15.33 -12.90
CA ILE B 272 -18.00 -14.56 -12.89
C ILE B 272 -17.90 -13.53 -14.01
N HIS B 273 -18.86 -13.56 -14.92
CA HIS B 273 -18.96 -12.63 -16.04
C HIS B 273 -20.15 -11.73 -15.77
N SER B 274 -19.91 -10.43 -15.61
CA SER B 274 -21.00 -9.55 -15.21
C SER B 274 -20.78 -8.15 -15.75
N GLY B 275 -21.87 -7.39 -15.81
CA GLY B 275 -21.83 -6.05 -16.38
C GLY B 275 -22.23 -4.98 -15.39
N SER B 276 -22.70 -3.84 -15.89
CA SER B 276 -23.08 -2.71 -15.07
C SER B 276 -24.58 -2.61 -14.87
N ARG B 277 -25.33 -3.64 -15.24
CA ARG B 277 -26.79 -3.71 -15.05
C ARG B 277 -27.44 -2.63 -15.90
N GLY B 278 -28.23 -1.72 -15.32
CA GLY B 278 -28.93 -0.74 -16.11
C GLY B 278 -28.29 0.63 -16.12
N LEU B 279 -27.31 0.87 -15.25
CA LEU B 279 -26.64 2.16 -15.24
C LEU B 279 -25.87 2.40 -16.53
N GLY B 280 -25.18 1.38 -17.04
CA GLY B 280 -24.38 1.56 -18.23
C GLY B 280 -25.22 1.90 -19.45
N HIS B 281 -26.30 1.15 -19.65
CA HIS B 281 -27.15 1.38 -20.82
C HIS B 281 -27.80 2.76 -20.76
N GLN B 282 -28.33 3.13 -19.59
CA GLN B 282 -28.99 4.42 -19.45
C GLN B 282 -28.00 5.56 -19.64
N VAL B 283 -26.80 5.44 -19.07
CA VAL B 283 -25.78 6.46 -19.27
C VAL B 283 -25.43 6.59 -20.74
N ALA B 284 -25.28 5.45 -21.43
CA ALA B 284 -24.93 5.47 -22.85
C ALA B 284 -26.01 6.17 -23.67
N THR B 285 -27.28 5.83 -23.44
CA THR B 285 -28.35 6.43 -24.23
C THR B 285 -28.51 7.92 -23.92
N ASP B 286 -28.48 8.28 -22.64
CA ASP B 286 -28.63 9.68 -22.27
C ASP B 286 -27.46 10.51 -22.77
N ALA B 287 -26.27 9.91 -22.91
CA ALA B 287 -25.16 10.62 -23.50
C ALA B 287 -25.32 10.73 -25.02
N LEU B 288 -25.82 9.67 -25.66
CA LEU B 288 -25.97 9.68 -27.12
C LEU B 288 -26.96 10.73 -27.57
N VAL B 289 -28.09 10.86 -26.86
CA VAL B 289 -29.14 11.78 -27.32
C VAL B 289 -28.64 13.22 -27.29
N ALA B 290 -27.81 13.58 -26.31
CA ALA B 290 -27.25 14.92 -26.27
C ALA B 290 -26.03 15.06 -27.17
N MET B 291 -25.31 13.97 -27.39
CA MET B 291 -24.12 13.99 -28.22
C MET B 291 -24.50 14.24 -29.67
N GLU B 292 -25.62 13.66 -30.12
CA GLU B 292 -26.10 13.91 -31.47
C GLU B 292 -26.41 15.38 -31.69
N LYS B 293 -27.06 16.02 -30.72
CA LYS B 293 -27.32 17.46 -30.84
C LYS B 293 -26.02 18.26 -30.83
N ALA B 294 -25.08 17.90 -29.96
CA ALA B 294 -23.82 18.64 -29.89
C ALA B 294 -23.00 18.48 -31.16
N MET B 295 -23.20 17.38 -31.89
CA MET B 295 -22.46 17.16 -33.13
C MET B 295 -22.75 18.27 -34.15
N LYS B 296 -23.99 18.75 -34.21
CA LYS B 296 -24.35 19.79 -35.15
C LYS B 296 -23.57 21.07 -34.88
N ARG B 297 -23.47 21.46 -33.61
CA ARG B 297 -22.72 22.66 -33.25
C ARG B 297 -21.23 22.46 -33.44
N ASP B 298 -20.73 21.26 -33.12
CA ASP B 298 -19.30 21.02 -33.15
C ASP B 298 -18.73 20.90 -34.57
N ARG B 299 -19.57 20.86 -35.59
CA ARG B 299 -19.13 20.78 -36.98
C ARG B 299 -18.26 19.53 -37.20
N ILE B 300 -18.89 18.37 -37.02
CA ILE B 300 -18.24 17.08 -37.22
C ILE B 300 -19.14 16.22 -38.11
N THR B 301 -18.58 15.69 -39.19
CA THR B 301 -19.30 14.81 -40.10
C THR B 301 -18.51 13.53 -40.30
N VAL B 302 -19.21 12.41 -40.27
CA VAL B 302 -18.61 11.08 -40.43
C VAL B 302 -19.46 10.26 -41.38
N ASN B 303 -18.96 9.07 -41.70
CA ASN B 303 -19.63 8.22 -42.70
C ASN B 303 -21.01 7.77 -42.22
N ASP B 304 -21.12 7.36 -40.95
CA ASP B 304 -22.34 6.77 -40.43
C ASP B 304 -22.96 7.67 -39.38
N ARG B 305 -24.29 7.73 -39.36
CA ARG B 305 -25.00 8.49 -38.33
C ARG B 305 -24.87 7.86 -36.95
N GLN B 306 -24.52 6.58 -36.88
CA GLN B 306 -24.33 5.89 -35.61
C GLN B 306 -23.00 6.22 -34.95
N LEU B 307 -22.06 6.81 -35.69
CA LEU B 307 -20.75 7.17 -35.14
C LEU B 307 -20.87 8.53 -34.49
N ALA B 308 -21.27 8.53 -33.22
CA ALA B 308 -21.36 9.77 -32.46
C ALA B 308 -19.99 10.16 -31.92
N CYS B 309 -19.61 11.41 -32.14
CA CYS B 309 -18.29 11.88 -31.71
C CYS B 309 -18.35 13.37 -31.42
N ALA B 310 -17.87 13.75 -30.24
CA ALA B 310 -17.71 15.15 -29.87
C ALA B 310 -16.35 15.34 -29.22
N ARG B 311 -15.88 16.57 -29.22
CA ARG B 311 -14.52 16.87 -28.77
C ARG B 311 -14.32 16.43 -27.33
N ILE B 312 -13.09 16.00 -27.03
CA ILE B 312 -12.76 15.60 -25.67
C ILE B 312 -12.95 16.76 -24.71
N THR B 313 -12.51 17.96 -25.11
CA THR B 313 -12.65 19.16 -24.30
C THR B 313 -14.01 19.81 -24.58
N SER B 314 -15.05 19.11 -24.14
CA SER B 314 -16.42 19.59 -24.31
C SER B 314 -17.25 19.11 -23.13
N GLU B 315 -18.35 19.83 -22.88
CA GLU B 315 -19.22 19.48 -21.75
C GLU B 315 -19.82 18.10 -21.94
N GLU B 316 -20.29 17.78 -23.15
CA GLU B 316 -20.90 16.49 -23.40
C GLU B 316 -19.87 15.36 -23.30
N GLY B 317 -18.67 15.58 -23.84
CA GLY B 317 -17.65 14.55 -23.76
C GLY B 317 -17.21 14.26 -22.34
N GLN B 318 -16.96 15.32 -21.56
CA GLN B 318 -16.58 15.14 -20.16
C GLN B 318 -17.70 14.49 -19.37
N ASP B 319 -18.94 14.90 -19.63
CA ASP B 319 -20.07 14.31 -18.92
C ASP B 319 -20.18 12.82 -19.23
N TYR B 320 -20.01 12.43 -20.49
CA TYR B 320 -20.05 11.01 -20.82
C TYR B 320 -18.90 10.27 -20.17
N LEU B 321 -17.71 10.86 -20.15
CA LEU B 321 -16.57 10.19 -19.54
C LEU B 321 -16.84 9.92 -18.06
N LYS B 322 -17.36 10.92 -17.35
CA LYS B 322 -17.65 10.74 -15.92
C LYS B 322 -18.76 9.72 -15.72
N GLY B 323 -19.81 9.75 -16.55
CA GLY B 323 -20.87 8.77 -16.42
C GLY B 323 -20.38 7.35 -16.66
N MET B 324 -19.53 7.17 -17.67
CA MET B 324 -18.99 5.85 -17.94
C MET B 324 -18.09 5.37 -16.80
N ALA B 325 -17.31 6.28 -16.22
CA ALA B 325 -16.49 5.90 -15.07
C ALA B 325 -17.36 5.47 -13.89
N ALA B 326 -18.44 6.20 -13.63
CA ALA B 326 -19.35 5.80 -12.55
C ALA B 326 -19.98 4.44 -12.84
N ALA B 327 -20.37 4.20 -14.08
CA ALA B 327 -20.92 2.89 -14.45
C ALA B 327 -19.90 1.79 -14.25
N GLY B 328 -18.63 2.07 -14.57
CA GLY B 328 -17.59 1.07 -14.35
C GLY B 328 -17.38 0.77 -12.88
N ASN B 329 -17.40 1.79 -12.04
CA ASN B 329 -17.30 1.57 -10.60
C ASN B 329 -18.47 0.75 -10.09
N TYR B 330 -19.68 1.03 -10.59
CA TYR B 330 -20.84 0.24 -10.20
C TYR B 330 -20.69 -1.22 -10.62
N ALA B 331 -20.17 -1.46 -11.83
CA ALA B 331 -19.97 -2.83 -12.28
C ALA B 331 -18.94 -3.55 -11.43
N TRP B 332 -17.87 -2.85 -11.04
CA TRP B 332 -16.87 -3.47 -10.18
C TRP B 332 -17.45 -3.81 -8.82
N VAL B 333 -18.28 -2.93 -8.26
CA VAL B 333 -18.95 -3.23 -6.99
C VAL B 333 -19.84 -4.45 -7.14
N ASN B 334 -20.57 -4.54 -8.25
CA ASN B 334 -21.43 -5.70 -8.49
C ASN B 334 -20.61 -6.99 -8.53
N ARG B 335 -19.47 -6.96 -9.23
CA ARG B 335 -18.64 -8.15 -9.32
C ARG B 335 -18.05 -8.52 -7.96
N SER B 336 -17.66 -7.53 -7.16
CA SER B 336 -17.15 -7.82 -5.82
C SER B 336 -18.23 -8.45 -4.94
N SER B 337 -19.46 -7.94 -5.03
CA SER B 337 -20.56 -8.54 -4.28
C SER B 337 -20.83 -9.97 -4.73
N MET B 338 -20.76 -10.22 -6.04
CA MET B 338 -20.93 -11.58 -6.54
C MET B 338 -19.83 -12.49 -6.01
N THR B 339 -18.60 -12.00 -5.95
CA THR B 339 -17.50 -12.78 -5.39
C THR B 339 -17.77 -13.13 -3.94
N PHE B 340 -18.24 -12.14 -3.16
CA PHE B 340 -18.54 -12.40 -1.75
C PHE B 340 -19.63 -13.45 -1.61
N LEU B 341 -20.68 -13.35 -2.43
CA LEU B 341 -21.77 -14.32 -2.36
C LEU B 341 -21.28 -15.72 -2.70
N THR B 342 -20.45 -15.84 -3.74
CA THR B 342 -19.91 -17.15 -4.11
C THR B 342 -19.02 -17.71 -3.00
N ARG B 343 -18.19 -16.86 -2.40
CA ARG B 343 -17.34 -17.31 -1.30
C ARG B 343 -18.17 -17.82 -0.14
N GLN B 344 -19.23 -17.09 0.22
CA GLN B 344 -20.10 -17.53 1.30
C GLN B 344 -20.76 -18.86 0.97
N ALA B 345 -21.23 -19.02 -0.27
CA ALA B 345 -21.88 -20.26 -0.66
C ALA B 345 -20.92 -21.44 -0.57
N PHE B 346 -19.69 -21.27 -1.07
CA PHE B 346 -18.72 -22.34 -1.00
C PHE B 346 -18.36 -22.68 0.44
N SER B 347 -18.19 -21.65 1.29
CA SER B 347 -17.87 -21.89 2.69
C SER B 347 -19.00 -22.64 3.39
N LYS B 348 -20.25 -22.28 3.12
CA LYS B 348 -21.38 -22.98 3.72
C LYS B 348 -21.44 -24.42 3.25
N VAL B 349 -21.20 -24.67 1.96
CA VAL B 349 -21.30 -26.02 1.42
C VAL B 349 -20.21 -26.91 2.01
N PHE B 350 -18.97 -26.40 2.04
CA PHE B 350 -17.84 -27.21 2.47
C PHE B 350 -17.53 -27.09 3.96
N SER B 351 -18.30 -26.29 4.70
CA SER B 351 -18.17 -26.19 6.16
C SER B 351 -16.75 -25.82 6.57
N THR B 352 -16.14 -24.91 5.82
CA THR B 352 -14.78 -24.45 6.09
C THR B 352 -14.70 -22.95 5.79
N THR B 353 -13.80 -22.28 6.50
CA THR B 353 -13.60 -20.86 6.27
C THR B 353 -13.07 -20.63 4.86
N PRO B 354 -13.55 -19.60 4.16
CA PRO B 354 -13.07 -19.36 2.79
C PRO B 354 -11.58 -19.11 2.70
N ASP B 355 -10.98 -18.48 3.71
CA ASP B 355 -9.53 -18.25 3.68
C ASP B 355 -8.77 -19.56 3.69
N ASP B 356 -9.26 -20.55 4.43
CA ASP B 356 -8.63 -21.87 4.43
C ASP B 356 -8.73 -22.53 3.06
N LEU B 357 -9.85 -22.34 2.37
CA LEU B 357 -10.02 -22.87 1.02
C LEU B 357 -9.11 -22.18 0.01
N ASP B 358 -8.51 -21.05 0.36
CA ASP B 358 -7.70 -20.26 -0.56
C ASP B 358 -8.50 -19.83 -1.77
N MET B 359 -9.63 -19.17 -1.50
CA MET B 359 -10.53 -18.69 -2.55
C MET B 359 -10.18 -17.26 -2.97
N HIS B 360 -8.92 -17.05 -3.33
CA HIS B 360 -8.47 -15.74 -3.76
C HIS B 360 -8.98 -15.44 -5.17
N VAL B 361 -8.56 -14.29 -5.70
CA VAL B 361 -8.96 -13.83 -7.03
C VAL B 361 -7.71 -13.67 -7.87
N ILE B 362 -7.72 -14.29 -9.05
CA ILE B 362 -6.56 -14.24 -9.94
C ILE B 362 -6.46 -12.90 -10.64
N TYR B 363 -7.52 -12.49 -11.33
CA TYR B 363 -7.54 -11.17 -11.95
C TYR B 363 -8.97 -10.79 -12.30
N ASP B 364 -9.12 -9.56 -12.82
CA ASP B 364 -10.41 -8.99 -13.18
C ASP B 364 -10.17 -8.03 -14.33
N VAL B 365 -10.61 -8.41 -15.53
CA VAL B 365 -10.42 -7.58 -16.72
C VAL B 365 -11.77 -7.09 -17.20
N SER B 366 -11.76 -5.94 -17.86
CA SER B 366 -12.96 -5.32 -18.41
C SER B 366 -12.75 -5.04 -19.88
N HIS B 367 -13.73 -5.44 -20.71
CA HIS B 367 -13.60 -5.35 -22.15
C HIS B 367 -14.58 -4.37 -22.78
N ASN B 368 -15.15 -3.47 -21.99
CA ASN B 368 -16.10 -2.48 -22.49
C ASN B 368 -15.82 -1.13 -21.85
N ILE B 369 -14.55 -0.74 -21.81
CA ILE B 369 -14.14 0.49 -21.13
C ILE B 369 -13.13 1.22 -22.00
N ALA B 370 -13.24 2.55 -22.04
CA ALA B 370 -12.24 3.42 -22.65
C ALA B 370 -11.41 4.07 -21.57
N LYS B 371 -10.09 3.95 -21.66
CA LYS B 371 -9.23 4.43 -20.60
C LYS B 371 -8.07 5.23 -21.15
N VAL B 372 -7.49 6.07 -20.29
CA VAL B 372 -6.43 7.00 -20.68
C VAL B 372 -5.11 6.32 -20.36
N GLU B 373 -4.48 5.74 -21.38
CA GLU B 373 -3.19 5.10 -21.23
C GLU B 373 -2.11 5.98 -21.84
N GLU B 374 -0.87 5.51 -21.81
CA GLU B 374 0.30 6.28 -22.21
C GLU B 374 1.19 5.47 -23.15
N HIS B 375 0.58 4.92 -24.20
CA HIS B 375 1.35 4.15 -25.18
C HIS B 375 2.33 5.06 -25.92
N MET B 376 3.22 4.43 -26.68
CA MET B 376 4.24 5.13 -27.46
C MET B 376 3.99 4.91 -28.94
N VAL B 377 3.97 5.99 -29.71
CA VAL B 377 3.67 5.95 -31.13
C VAL B 377 4.84 6.56 -31.89
N ASP B 378 5.38 5.79 -32.85
CA ASP B 378 6.43 6.26 -33.75
C ASP B 378 7.65 6.80 -33.00
N GLY B 379 7.96 6.21 -31.84
CA GLY B 379 9.07 6.67 -31.05
C GLY B 379 8.83 7.95 -30.29
N ARG B 380 7.60 8.46 -30.29
CA ARG B 380 7.25 9.68 -29.58
C ARG B 380 6.16 9.36 -28.57
N GLN B 381 6.37 9.76 -27.32
CA GLN B 381 5.41 9.45 -26.27
C GLN B 381 4.13 10.28 -26.45
N LYS B 382 2.99 9.65 -26.19
CA LYS B 382 1.71 10.30 -26.35
C LYS B 382 0.71 9.71 -25.37
N THR B 383 -0.12 10.58 -24.81
CA THR B 383 -1.20 10.17 -23.93
C THR B 383 -2.44 9.88 -24.77
N LEU B 384 -2.88 8.63 -24.78
CA LEU B 384 -3.94 8.18 -25.68
C LEU B 384 -5.15 7.73 -24.87
N LEU B 385 -6.33 8.24 -25.25
CA LEU B 385 -7.58 7.68 -24.75
C LEU B 385 -8.00 6.56 -25.69
N VAL B 386 -8.11 5.35 -25.16
CA VAL B 386 -8.27 4.15 -25.95
C VAL B 386 -9.67 3.57 -25.71
N HIS B 387 -10.40 3.34 -26.80
CA HIS B 387 -11.68 2.66 -26.75
C HIS B 387 -11.45 1.16 -26.90
N ARG B 388 -12.09 0.38 -26.05
CA ARG B 388 -11.96 -1.08 -26.10
C ARG B 388 -13.36 -1.68 -25.98
N LYS B 389 -13.98 -1.97 -27.12
CA LYS B 389 -15.28 -2.63 -27.18
C LYS B 389 -15.07 -4.08 -27.57
N GLY B 390 -15.46 -5.00 -26.69
CA GLY B 390 -15.29 -6.41 -26.97
C GLY B 390 -13.86 -6.89 -27.01
N SER B 391 -12.91 -6.10 -26.49
CA SER B 391 -11.51 -6.47 -26.47
C SER B 391 -10.94 -6.21 -25.09
N THR B 392 -10.01 -7.08 -24.68
CA THR B 392 -9.47 -7.07 -23.32
C THR B 392 -8.05 -6.50 -23.31
N ARG B 393 -7.79 -5.63 -22.33
CA ARG B 393 -6.46 -5.05 -22.21
C ARG B 393 -5.44 -6.08 -21.75
N ALA B 394 -4.23 -5.99 -22.33
CA ALA B 394 -3.10 -6.79 -21.90
C ALA B 394 -1.87 -5.91 -21.81
N PHE B 395 -1.00 -6.20 -20.88
CA PHE B 395 0.19 -5.38 -20.71
C PHE B 395 1.43 -6.26 -20.67
N PRO B 396 2.56 -5.75 -21.15
CA PRO B 396 3.78 -6.55 -21.18
C PRO B 396 4.34 -6.72 -19.78
N PRO B 397 5.21 -7.71 -19.56
CA PRO B 397 5.83 -7.87 -18.24
C PRO B 397 6.63 -6.63 -17.87
N HIS B 398 6.67 -6.36 -16.57
CA HIS B 398 7.35 -5.23 -15.92
C HIS B 398 6.61 -3.91 -16.14
N HIS B 399 5.38 -3.93 -16.64
CA HIS B 399 4.60 -2.71 -16.70
C HIS B 399 4.19 -2.29 -15.29
N PRO B 400 4.22 -1.00 -14.99
CA PRO B 400 4.00 -0.57 -13.60
C PRO B 400 2.55 -0.50 -13.18
N LEU B 401 1.64 -1.10 -13.95
CA LEU B 401 0.23 -1.14 -13.61
C LEU B 401 -0.30 -2.57 -13.47
N ILE B 402 0.58 -3.53 -13.27
CA ILE B 402 0.18 -4.93 -13.11
C ILE B 402 0.49 -5.33 -11.67
N PRO B 403 -0.25 -6.26 -11.07
CA PRO B 403 0.11 -6.77 -9.74
C PRO B 403 1.55 -7.25 -9.66
N VAL B 404 2.07 -7.37 -8.43
CA VAL B 404 3.45 -7.75 -8.24
C VAL B 404 3.70 -9.19 -8.67
N ASP B 405 2.70 -10.07 -8.48
CA ASP B 405 2.87 -11.46 -8.88
C ASP B 405 3.08 -11.59 -10.38
N TYR B 406 2.42 -10.76 -11.17
CA TYR B 406 2.43 -10.86 -12.63
C TYR B 406 3.40 -9.87 -13.28
N GLN B 407 4.34 -9.31 -12.51
CA GLN B 407 5.32 -8.42 -13.10
C GLN B 407 6.40 -9.16 -13.88
N LEU B 408 6.48 -10.48 -13.73
CA LEU B 408 7.47 -11.28 -14.46
C LEU B 408 6.86 -12.11 -15.57
N THR B 409 5.54 -12.32 -15.58
CA THR B 409 4.89 -13.13 -16.60
C THR B 409 3.98 -12.33 -17.52
N GLY B 410 3.63 -11.11 -17.16
CA GLY B 410 2.70 -10.32 -17.95
C GLY B 410 1.28 -10.43 -17.42
N GLN B 411 0.49 -9.42 -17.73
CA GLN B 411 -0.86 -9.33 -17.20
C GLN B 411 -1.72 -10.47 -17.72
N PRO B 412 -2.44 -11.18 -16.85
CA PRO B 412 -3.37 -12.20 -17.34
C PRO B 412 -4.50 -11.58 -18.14
N VAL B 413 -4.98 -12.33 -19.13
CA VAL B 413 -6.13 -11.96 -19.94
C VAL B 413 -7.04 -13.18 -20.01
N LEU B 414 -8.28 -13.02 -19.55
CA LEU B 414 -9.19 -14.15 -19.42
C LEU B 414 -10.22 -14.09 -20.53
N ILE B 415 -10.28 -15.15 -21.33
CA ILE B 415 -11.16 -15.21 -22.49
C ILE B 415 -12.46 -15.86 -22.01
N GLY B 416 -13.37 -15.04 -21.52
CA GLY B 416 -14.64 -15.54 -21.03
C GLY B 416 -15.60 -15.88 -22.15
N GLY B 417 -15.78 -17.18 -22.41
CA GLY B 417 -16.69 -17.60 -23.45
C GLY B 417 -18.09 -17.82 -22.92
N THR B 418 -18.68 -18.97 -23.25
CA THR B 418 -20.01 -19.34 -22.79
C THR B 418 -20.00 -20.83 -22.45
N MET B 419 -21.18 -21.40 -22.27
CA MET B 419 -21.29 -22.83 -22.06
C MET B 419 -20.82 -23.58 -23.30
N GLY B 420 -20.13 -24.69 -23.08
CA GLY B 420 -19.56 -25.43 -24.18
C GLY B 420 -18.06 -25.28 -24.26
N THR B 421 -17.60 -24.43 -25.18
CA THR B 421 -16.17 -24.25 -25.43
C THR B 421 -15.43 -23.83 -24.16
N CYS B 422 -14.12 -24.10 -24.15
CA CYS B 422 -13.31 -23.94 -22.96
C CYS B 422 -12.70 -22.54 -22.92
N SER B 423 -12.82 -21.90 -21.77
CA SER B 423 -12.24 -20.57 -21.58
C SER B 423 -10.73 -20.66 -21.45
N TYR B 424 -10.06 -19.56 -21.78
CA TYR B 424 -8.60 -19.51 -21.85
C TYR B 424 -8.06 -18.44 -20.91
N VAL B 425 -6.78 -18.58 -20.58
CA VAL B 425 -6.05 -17.57 -19.82
C VAL B 425 -4.75 -17.32 -20.58
N LEU B 426 -4.68 -16.20 -21.28
CA LEU B 426 -3.46 -15.80 -21.95
C LEU B 426 -2.70 -14.80 -21.10
N THR B 427 -1.50 -14.45 -21.56
CA THR B 427 -0.72 -13.39 -20.95
C THR B 427 -0.20 -12.47 -22.05
N GLY B 428 -0.07 -11.19 -21.71
CA GLY B 428 0.39 -10.23 -22.68
C GLY B 428 1.87 -10.40 -22.99
N THR B 429 2.30 -9.75 -24.07
CA THR B 429 3.66 -9.87 -24.56
C THR B 429 4.21 -8.48 -24.86
N GLU B 430 5.54 -8.42 -25.04
CA GLU B 430 6.18 -7.16 -25.36
C GLU B 430 5.81 -6.67 -26.76
N GLN B 431 5.67 -7.59 -27.71
CA GLN B 431 5.35 -7.20 -29.07
C GLN B 431 3.96 -6.56 -29.15
N GLY B 432 2.99 -7.12 -28.43
CA GLY B 432 1.63 -6.59 -28.47
C GLY B 432 1.53 -5.18 -27.94
N MET B 433 2.37 -4.82 -26.96
CA MET B 433 2.32 -3.47 -26.41
C MET B 433 2.70 -2.43 -27.46
N THR B 434 3.70 -2.72 -28.28
CA THR B 434 4.13 -1.79 -29.31
C THR B 434 3.42 -1.98 -30.65
N GLU B 435 2.64 -3.06 -30.81
CA GLU B 435 1.99 -3.35 -32.07
C GLU B 435 0.49 -3.06 -32.03
N THR B 436 -0.23 -3.68 -31.09
CA THR B 436 -1.68 -3.51 -30.99
C THR B 436 -2.08 -2.76 -29.73
N PHE B 437 -1.17 -1.94 -29.19
CA PHE B 437 -1.44 -1.12 -28.01
C PHE B 437 -1.86 -1.98 -26.81
N GLY B 438 -1.29 -3.17 -26.70
CA GLY B 438 -1.59 -4.03 -25.57
C GLY B 438 -3.06 -4.42 -25.45
N THR B 439 -3.65 -4.86 -26.55
CA THR B 439 -5.05 -5.28 -26.55
C THR B 439 -5.16 -6.63 -27.23
N THR B 440 -5.99 -7.51 -26.68
CA THR B 440 -6.21 -8.85 -27.21
C THR B 440 -7.70 -9.13 -27.27
N CYS B 441 -8.05 -10.30 -27.76
CA CYS B 441 -9.45 -10.68 -27.94
C CYS B 441 -10.13 -10.88 -26.59
N HIS B 442 -11.46 -10.97 -26.63
CA HIS B 442 -12.26 -11.13 -25.43
C HIS B 442 -13.39 -12.12 -25.63
N GLY B 443 -13.20 -13.13 -26.47
CA GLY B 443 -14.20 -14.14 -26.72
C GLY B 443 -14.35 -14.41 -28.20
N ALA B 444 -15.25 -15.35 -28.50
CA ALA B 444 -15.47 -15.76 -29.89
C ALA B 444 -16.20 -14.68 -30.68
N GLY B 445 -17.23 -14.08 -30.10
CA GLY B 445 -18.02 -13.09 -30.79
C GLY B 445 -19.07 -13.71 -31.69
N ARG B 446 -19.92 -12.84 -32.24
CA ARG B 446 -21.00 -13.27 -33.11
C ARG B 446 -20.52 -13.41 -34.55
N LYS B 490 -17.80 -17.84 -34.98
CA LYS B 490 -16.38 -18.13 -35.06
C LYS B 490 -15.94 -19.11 -33.97
N ASN B 491 -14.66 -19.44 -33.95
CA ASN B 491 -14.09 -20.40 -33.01
C ASN B 491 -13.19 -19.69 -32.03
N VAL B 492 -13.40 -19.94 -30.74
CA VAL B 492 -12.56 -19.32 -29.72
C VAL B 492 -11.13 -19.85 -29.80
N THR B 493 -10.97 -21.15 -30.08
CA THR B 493 -9.63 -21.71 -30.22
C THR B 493 -8.90 -21.08 -31.40
N ASP B 494 -9.59 -20.86 -32.51
CA ASP B 494 -8.97 -20.24 -33.66
C ASP B 494 -8.52 -18.82 -33.35
N VAL B 495 -9.35 -18.06 -32.62
CA VAL B 495 -8.99 -16.70 -32.26
C VAL B 495 -7.78 -16.69 -31.32
N VAL B 496 -7.77 -17.60 -30.34
CA VAL B 496 -6.65 -17.66 -29.42
C VAL B 496 -5.37 -18.04 -30.15
N ASN B 497 -5.46 -18.98 -31.09
CA ASN B 497 -4.29 -19.37 -31.87
C ASN B 497 -3.80 -18.21 -32.73
N THR B 498 -4.72 -17.45 -33.32
CA THR B 498 -4.34 -16.29 -34.11
C THR B 498 -3.62 -15.25 -33.25
N CYS B 499 -4.13 -15.02 -32.04
CA CYS B 499 -3.48 -14.08 -31.13
C CYS B 499 -2.10 -14.57 -30.72
N HIS B 500 -1.97 -15.87 -30.45
CA HIS B 500 -0.67 -16.42 -30.06
C HIS B 500 0.34 -16.32 -31.19
N ASP B 501 -0.08 -16.62 -32.42
CA ASP B 501 0.85 -16.61 -33.55
C ASP B 501 1.21 -15.19 -33.96
N ALA B 502 0.29 -14.24 -33.78
CA ALA B 502 0.58 -12.86 -34.12
C ALA B 502 1.57 -12.20 -33.19
N GLY B 503 1.92 -12.85 -32.08
CA GLY B 503 2.86 -12.28 -31.14
C GLY B 503 2.26 -11.28 -30.17
N ILE B 504 0.93 -11.27 -30.02
CA ILE B 504 0.26 -10.33 -29.14
C ILE B 504 -0.22 -10.98 -27.85
N SER B 505 0.04 -12.28 -27.66
CA SER B 505 -0.34 -12.98 -26.44
C SER B 505 0.40 -14.31 -26.39
N LYS B 506 0.30 -14.99 -25.26
CA LYS B 506 0.72 -16.38 -25.17
C LYS B 506 -0.14 -17.08 -24.13
N LYS B 507 -0.75 -18.19 -24.52
CA LYS B 507 -1.64 -18.92 -23.64
C LYS B 507 -0.86 -19.58 -22.51
N ALA B 508 -1.49 -19.65 -21.33
CA ALA B 508 -0.86 -20.25 -20.16
C ALA B 508 -1.69 -21.38 -19.56
N ILE B 509 -3.01 -21.23 -19.48
CA ILE B 509 -3.88 -22.23 -18.88
C ILE B 509 -5.14 -22.35 -19.74
N LYS B 510 -5.66 -23.56 -19.84
CA LYS B 510 -6.95 -23.82 -20.47
C LYS B 510 -7.87 -24.46 -19.44
N LEU B 511 -9.08 -23.90 -19.31
CA LEU B 511 -10.03 -24.33 -18.30
C LEU B 511 -11.31 -24.81 -18.97
N ARG B 512 -11.84 -25.94 -18.51
CA ARG B 512 -13.03 -26.54 -19.07
C ARG B 512 -14.18 -26.49 -18.07
N PRO B 513 -15.37 -26.11 -18.50
CA PRO B 513 -16.48 -25.91 -17.55
C PRO B 513 -17.08 -27.23 -17.09
N ILE B 514 -17.65 -27.18 -15.88
CA ILE B 514 -18.45 -28.30 -15.38
C ILE B 514 -19.87 -27.82 -15.12
N ALA B 515 -20.02 -26.67 -14.44
CA ALA B 515 -21.34 -26.16 -14.14
C ALA B 515 -21.43 -24.68 -14.54
N VAL B 516 -22.58 -24.29 -15.08
CA VAL B 516 -22.80 -22.91 -15.52
C VAL B 516 -24.09 -22.40 -14.90
N ILE B 517 -24.05 -21.15 -14.44
CA ILE B 517 -25.21 -20.51 -13.80
C ILE B 517 -25.61 -19.35 -14.70
N LYS B 518 -26.70 -19.52 -15.44
CA LYS B 518 -27.24 -18.48 -16.31
C LYS B 518 -28.66 -18.13 -15.86
N GLY B 519 -29.33 -17.29 -16.65
CA GLY B 519 -30.70 -16.91 -16.35
C GLY B 519 -31.64 -17.10 -17.52
N MET C 1 -1.46 12.65 48.66
CA MET C 1 -0.19 12.52 47.94
C MET C 1 0.55 11.26 48.36
N GLU C 2 -0.02 10.53 49.32
CA GLU C 2 0.60 9.28 49.77
C GLU C 2 0.65 8.26 48.64
N SER C 3 -0.41 8.19 47.83
CA SER C 3 -0.45 7.22 46.74
C SER C 3 0.64 7.48 45.71
N ASP C 4 0.88 8.74 45.37
CA ASP C 4 1.91 9.07 44.39
C ASP C 4 3.30 8.69 44.89
N ILE C 5 3.59 8.99 46.15
CA ILE C 5 4.90 8.67 46.71
C ILE C 5 5.07 7.16 46.79
N LEU C 6 4.03 6.44 47.20
CA LEU C 6 4.10 4.98 47.26
C LEU C 6 4.34 4.38 45.88
N ASP C 7 3.65 4.90 44.86
CA ASP C 7 3.84 4.40 43.52
C ASP C 7 5.25 4.69 43.02
N ILE C 8 5.78 5.88 43.31
CA ILE C 8 7.14 6.19 42.90
C ILE C 8 8.14 5.27 43.58
N LEU C 9 7.95 5.02 44.88
CA LEU C 9 8.87 4.14 45.59
C LEU C 9 8.80 2.71 45.06
N GLU C 10 7.60 2.25 44.73
CA GLU C 10 7.46 0.92 44.15
C GLU C 10 8.13 0.84 42.78
N GLN C 11 7.97 1.89 41.96
CA GLN C 11 8.63 1.91 40.66
C GLN C 11 10.15 1.92 40.81
N LEU C 12 10.66 2.72 41.75
CA LEU C 12 12.11 2.76 41.98
C LEU C 12 12.58 1.52 42.73
N GLY C 13 11.74 0.95 43.58
CA GLY C 13 12.12 -0.24 44.33
C GLY C 13 12.70 0.09 45.68
N TYR C 14 11.99 -0.28 46.75
CA TYR C 14 12.44 -0.03 48.11
C TYR C 14 12.17 -1.25 48.96
N ASP C 15 13.18 -1.67 49.73
CA ASP C 15 13.07 -2.80 50.65
C ASP C 15 12.76 -2.36 52.07
N GLY C 16 12.55 -1.07 52.29
CA GLY C 16 12.31 -0.56 53.63
C GLY C 16 10.87 -0.75 54.06
N PRO C 17 10.52 -0.22 55.23
CA PRO C 17 9.16 -0.39 55.75
C PRO C 17 8.18 0.64 55.20
N LEU C 18 8.57 1.33 54.13
CA LEU C 18 7.74 2.39 53.55
C LEU C 18 6.62 1.84 52.68
N ALA C 19 6.57 0.52 52.45
CA ALA C 19 5.49 -0.05 51.64
C ALA C 19 4.13 0.14 52.29
N GLU C 20 4.09 0.35 53.60
CA GLU C 20 2.83 0.60 54.31
C GLU C 20 2.53 2.10 54.31
N GLU C 21 1.30 2.45 53.93
CA GLU C 21 0.91 3.86 53.89
C GLU C 21 0.93 4.49 55.29
N ALA C 22 0.47 3.73 56.30
CA ALA C 22 0.44 4.27 57.65
C ALA C 22 1.84 4.57 58.17
N CYS C 23 2.80 3.67 57.92
CA CYS C 23 4.16 3.90 58.37
C CYS C 23 4.78 5.11 57.70
N LEU C 24 4.56 5.25 56.38
CA LEU C 24 5.08 6.42 55.67
C LEU C 24 4.46 7.70 56.19
N LEU C 25 3.14 7.69 56.43
CA LEU C 25 2.48 8.88 56.96
C LEU C 25 3.00 9.25 58.34
N ALA C 26 3.21 8.26 59.20
CA ALA C 26 3.74 8.54 60.54
C ALA C 26 5.15 9.08 60.46
N GLU C 27 5.99 8.51 59.60
CA GLU C 27 7.36 9.00 59.46
C GLU C 27 7.38 10.42 58.93
N CYS C 28 6.52 10.72 57.95
CA CYS C 28 6.46 12.07 57.40
C CYS C 28 5.96 13.06 58.45
N GLY C 29 4.96 12.67 59.24
CA GLY C 29 4.49 13.53 60.32
C GLY C 29 5.54 13.77 61.38
N ARG C 30 6.39 12.77 61.64
CA ARG C 30 7.47 12.95 62.61
C ARG C 30 8.44 14.05 62.18
N GLY C 31 8.77 14.09 60.89
CA GLY C 31 9.67 15.11 60.38
C GLY C 31 11.10 14.64 60.24
N PHE C 32 12.04 15.57 60.40
CA PHE C 32 13.46 15.23 60.28
C PHE C 32 13.98 14.44 61.48
N SER C 33 13.20 14.31 62.55
CA SER C 33 13.67 13.60 63.73
C SER C 33 13.88 12.11 63.45
N SER C 34 13.04 11.51 62.62
CA SER C 34 13.16 10.08 62.34
C SER C 34 14.44 9.80 61.56
N SER C 35 15.18 8.77 62.01
CA SER C 35 16.38 8.36 61.30
C SER C 35 16.05 7.76 59.93
N GLU C 36 14.87 7.16 59.81
CA GLU C 36 14.47 6.60 58.52
C GLU C 36 14.36 7.69 57.47
N TYR C 37 13.77 8.83 57.85
CA TYR C 37 13.63 9.95 56.91
C TYR C 37 14.98 10.46 56.44
N VAL C 38 15.91 10.68 57.37
CA VAL C 38 17.21 11.23 56.97
C VAL C 38 18.00 10.21 56.15
N ASN C 39 17.87 8.93 56.49
CA ASN C 39 18.54 7.89 55.69
C ASN C 39 18.00 7.85 54.28
N LEU C 40 16.67 7.93 54.12
CA LEU C 40 16.07 7.93 52.80
C LEU C 40 16.46 9.18 52.01
N LEU C 41 16.48 10.34 52.68
CA LEU C 41 16.89 11.57 52.00
C LEU C 41 18.33 11.49 51.53
N THR C 42 19.22 10.93 52.37
CA THR C 42 20.61 10.74 51.95
C THR C 42 20.71 9.78 50.77
N TRP C 43 19.93 8.69 50.82
CA TRP C 43 19.95 7.70 49.74
C TRP C 43 19.51 8.31 48.42
N LEU C 44 18.51 9.19 48.46
CA LEU C 44 18.06 9.85 47.24
C LEU C 44 19.06 10.91 46.79
N THR C 45 19.60 11.69 47.73
CA THR C 45 20.41 12.84 47.35
C THR C 45 21.78 12.43 46.83
N LYS C 46 22.33 11.30 47.29
CA LYS C 46 23.60 10.85 46.73
C LYS C 46 23.46 10.55 45.24
N GLN C 47 22.40 9.83 44.86
CA GLN C 47 22.17 9.52 43.46
C GLN C 47 21.80 10.79 42.67
N LEU C 48 21.03 11.69 43.27
CA LEU C 48 20.68 12.93 42.58
C LEU C 48 21.92 13.77 42.30
N THR C 49 22.85 13.85 43.26
CA THR C 49 24.10 14.56 43.02
C THR C 49 24.97 13.83 42.01
N GLN C 50 24.93 12.50 42.00
CA GLN C 50 25.69 11.75 41.01
C GLN C 50 25.18 12.04 39.60
N PHE C 51 23.86 12.16 39.44
CA PHE C 51 23.30 12.35 38.11
C PHE C 51 23.51 13.78 37.60
N THR C 52 23.42 14.77 38.48
CA THR C 52 23.56 16.15 38.04
C THR C 52 25.01 16.44 37.64
N GLU C 53 25.17 17.47 36.80
CA GLU C 53 26.49 17.83 36.31
C GLU C 53 27.40 18.28 37.44
N THR C 54 26.87 19.06 38.38
CA THR C 54 27.65 19.56 39.50
C THR C 54 27.89 18.41 40.48
N HIS C 55 29.04 17.76 40.34
CA HIS C 55 29.38 16.63 41.21
C HIS C 55 30.89 16.52 41.38
N THR C 62 25.25 12.98 53.80
CA THR C 62 24.68 13.85 54.82
C THR C 62 23.44 14.57 54.28
N ALA C 63 22.30 14.36 54.94
CA ALA C 63 21.03 14.95 54.55
C ALA C 63 20.67 16.15 55.42
N ASP C 64 21.66 16.93 55.81
CA ASP C 64 21.40 18.12 56.62
C ASP C 64 20.57 19.12 55.82
N PRO C 65 19.76 19.94 56.50
CA PRO C 65 18.89 20.87 55.77
C PRO C 65 19.63 21.83 54.86
N LEU C 66 20.83 22.28 55.27
CA LEU C 66 21.57 23.24 54.47
C LEU C 66 21.97 22.65 53.12
N ASP C 67 22.50 21.42 53.13
CA ASP C 67 22.97 20.80 51.88
C ASP C 67 21.82 20.51 50.93
N VAL C 68 20.71 19.97 51.45
CA VAL C 68 19.58 19.66 50.59
C VAL C 68 18.93 20.93 50.07
N SER C 69 18.89 21.99 50.89
CA SER C 69 18.39 23.27 50.40
C SER C 69 19.28 23.85 49.32
N ARG C 70 20.60 23.71 49.46
CA ARG C 70 21.51 24.16 48.42
C ARG C 70 21.29 23.38 47.13
N LEU C 71 21.07 22.06 47.25
CA LEU C 71 20.77 21.26 46.06
C LEU C 71 19.45 21.71 45.43
N LEU C 72 18.45 22.01 46.26
CA LEU C 72 17.17 22.50 45.75
C LEU C 72 17.36 23.79 44.96
N LYS C 73 18.17 24.71 45.48
CA LYS C 73 18.47 25.93 44.75
C LYS C 73 19.20 25.63 43.45
N ASP C 74 20.14 24.67 43.48
CA ASP C 74 20.91 24.35 42.29
C ASP C 74 20.08 23.58 41.27
N CYS C 75 19.20 22.69 41.73
CA CYS C 75 18.39 21.87 40.83
C CYS C 75 17.13 22.59 40.36
N CYS C 76 17.07 23.91 40.49
CA CYS C 76 15.97 24.72 39.95
C CYS C 76 14.61 24.29 40.49
N CYS C 77 14.59 23.92 41.77
CA CYS C 77 13.35 23.48 42.41
C CYS C 77 12.31 24.60 42.34
N PRO C 78 11.12 24.35 41.77
CA PRO C 78 10.15 25.41 41.53
C PRO C 78 9.10 25.59 42.62
N TYR C 79 9.17 24.84 43.71
CA TYR C 79 8.15 24.94 44.75
C TYR C 79 8.25 26.30 45.45
N GLU C 80 7.09 26.91 45.70
CA GLU C 80 7.05 28.28 46.21
C GLU C 80 7.54 28.31 47.66
N GLY C 81 8.73 28.87 47.86
CA GLY C 81 9.26 29.06 49.20
C GLY C 81 9.77 27.81 49.88
N LEU C 82 9.85 26.69 49.17
CA LEU C 82 10.31 25.45 49.79
C LEU C 82 11.77 25.56 50.22
N ALA C 83 12.62 26.16 49.38
CA ALA C 83 14.04 26.23 49.70
C ALA C 83 14.30 27.10 50.92
N SER C 84 13.73 28.31 50.94
CA SER C 84 13.96 29.23 52.06
C SER C 84 13.38 28.68 53.35
N ARG C 85 12.16 28.15 53.30
CA ARG C 85 11.53 27.60 54.50
C ARG C 85 12.25 26.35 55.00
N LEU C 86 12.78 25.54 54.08
CA LEU C 86 13.57 24.39 54.50
C LEU C 86 14.89 24.83 55.13
N ALA C 87 15.53 25.85 54.57
CA ALA C 87 16.77 26.35 55.16
C ALA C 87 16.54 26.94 56.54
N ASN C 88 15.45 27.68 56.70
CA ASN C 88 15.13 28.25 58.01
C ASN C 88 14.71 27.18 59.00
N GLY C 89 14.04 26.13 58.54
CA GLY C 89 13.54 25.09 59.41
C GLY C 89 12.26 25.44 60.13
N ASP C 90 11.62 26.55 59.78
CA ASP C 90 10.38 26.94 60.46
C ASP C 90 9.23 26.01 60.11
N VAL C 91 9.22 25.45 58.90
CA VAL C 91 8.12 24.60 58.46
C VAL C 91 8.30 23.20 59.03
N LYS C 92 7.26 22.69 59.69
CA LYS C 92 7.28 21.34 60.24
C LYS C 92 6.07 20.52 59.78
N ASP C 93 5.30 21.02 58.82
CA ASP C 93 4.12 20.31 58.35
C ASP C 93 4.54 19.07 57.56
N THR C 94 3.74 18.02 57.68
CA THR C 94 4.01 16.79 56.94
C THR C 94 3.85 17.00 55.44
N ARG C 95 3.00 17.95 55.03
CA ARG C 95 2.80 18.21 53.61
C ARG C 95 4.10 18.64 52.94
N ASP C 96 4.91 19.44 53.64
CA ASP C 96 6.22 19.81 53.13
C ASP C 96 7.09 18.58 52.92
N HIS C 97 7.05 17.64 53.86
CA HIS C 97 7.83 16.41 53.72
C HIS C 97 7.40 15.61 52.51
N LEU C 98 6.09 15.47 52.32
CA LEU C 98 5.60 14.76 51.13
C LEU C 98 6.03 15.47 49.86
N LYS C 99 5.94 16.81 49.85
CA LYS C 99 6.30 17.56 48.66
C LYS C 99 7.78 17.39 48.32
N ILE C 100 8.66 17.48 49.31
CA ILE C 100 10.09 17.38 49.03
C ILE C 100 10.45 15.97 48.60
N ILE C 101 9.86 14.95 49.25
CA ILE C 101 10.13 13.57 48.83
C ILE C 101 9.67 13.36 47.39
N LEU C 102 8.48 13.84 47.07
CA LEU C 102 7.95 13.69 45.71
C LEU C 102 8.85 14.38 44.71
N PHE C 103 9.29 15.60 45.01
CA PHE C 103 10.11 16.34 44.06
C PHE C 103 11.44 15.65 43.81
N VAL C 104 12.12 15.23 44.88
CA VAL C 104 13.43 14.60 44.69
C VAL C 104 13.30 13.28 43.96
N SER C 105 12.29 12.48 44.31
CA SER C 105 12.12 11.19 43.64
C SER C 105 11.80 11.37 42.16
N SER C 106 10.90 12.32 41.85
CA SER C 106 10.56 12.55 40.44
C SER C 106 11.76 13.08 39.67
N GLU C 107 12.57 13.95 40.29
CA GLU C 107 13.75 14.46 39.62
C GLU C 107 14.75 13.34 39.34
N LEU C 108 14.93 12.42 40.30
CA LEU C 108 15.81 11.29 40.06
C LEU C 108 15.31 10.41 38.92
N GLN C 109 14.00 10.14 38.91
CA GLN C 109 13.44 9.33 37.83
C GLN C 109 13.63 9.99 36.48
N SER C 110 13.40 11.31 36.41
CA SER C 110 13.57 12.03 35.16
C SER C 110 15.03 12.03 34.71
N ALA C 111 15.97 12.16 35.65
CA ALA C 111 17.38 12.12 35.31
C ALA C 111 17.77 10.74 34.76
N GLN C 112 17.25 9.67 35.38
CA GLN C 112 17.51 8.33 34.86
C GLN C 112 16.97 8.16 33.44
N LEU C 113 15.74 8.64 33.21
CA LEU C 113 15.17 8.53 31.87
C LEU C 113 16.00 9.32 30.86
N LEU C 114 16.43 10.52 31.24
CA LEU C 114 17.22 11.34 30.33
C LEU C 114 18.54 10.65 29.97
N LEU C 115 19.23 10.10 30.98
CA LEU C 115 20.49 9.44 30.72
C LEU C 115 20.31 8.21 29.84
N SER C 116 19.27 7.42 30.10
CA SER C 116 19.03 6.23 29.28
C SER C 116 18.73 6.61 27.83
N LYS C 117 17.90 7.64 27.64
CA LYS C 117 17.57 8.07 26.29
C LYS C 117 18.80 8.61 25.56
N THR C 118 19.64 9.37 26.27
CA THR C 118 20.86 9.88 25.66
C THR C 118 21.79 8.75 25.25
N LEU C 119 21.94 7.74 26.10
CA LEU C 119 22.79 6.59 25.76
C LEU C 119 22.24 5.85 24.56
N ARG C 120 20.92 5.63 24.51
CA ARG C 120 20.32 4.95 23.38
C ARG C 120 20.52 5.75 22.09
N ASP C 121 20.35 7.07 22.15
CA ASP C 121 20.56 7.90 20.97
C ASP C 121 22.01 7.86 20.51
N ALA C 122 22.94 7.89 21.46
CA ALA C 122 24.35 7.81 21.10
C ALA C 122 24.69 6.50 20.42
N GLU C 123 24.18 5.38 20.96
CA GLU C 123 24.45 4.09 20.34
C GLU C 123 23.80 4.00 18.96
N GLU C 124 22.60 4.58 18.79
CA GLU C 124 21.96 4.57 17.49
C GLU C 124 22.76 5.38 16.49
N ARG C 125 23.29 6.54 16.92
CA ARG C 125 24.13 7.35 16.05
C ARG C 125 25.40 6.60 15.65
N GLU C 126 26.01 5.91 16.61
CA GLU C 126 27.21 5.12 16.30
C GLU C 126 26.90 4.01 15.30
N MET C 127 25.73 3.37 15.45
CA MET C 127 25.31 2.37 14.49
C MET C 127 25.11 2.98 13.12
N ARG C 128 24.56 4.20 13.07
CA ARG C 128 24.26 4.85 11.79
C ARG C 128 25.48 4.98 10.89
N SER C 129 26.67 5.07 11.48
CA SER C 129 27.89 5.20 10.69
C SER C 129 28.10 3.97 9.81
N CYS C 130 28.41 4.21 8.54
CA CYS C 130 28.66 3.13 7.60
C CYS C 130 30.09 2.64 7.80
N SER C 131 30.25 1.65 8.66
CA SER C 131 31.54 1.12 9.04
C SER C 131 31.46 -0.40 9.08
N PRO C 132 32.58 -1.09 8.95
CA PRO C 132 32.58 -2.55 9.10
C PRO C 132 32.16 -3.01 10.49
N LEU C 133 32.24 -2.13 11.48
CA LEU C 133 31.90 -2.52 12.85
C LEU C 133 30.44 -2.94 12.97
N GLN C 134 29.54 -2.22 12.29
CA GLN C 134 28.13 -2.59 12.34
C GLN C 134 27.89 -3.97 11.76
N ASP C 135 28.49 -4.27 10.62
CA ASP C 135 28.33 -5.59 10.01
C ASP C 135 28.91 -6.68 10.88
N LEU C 136 30.11 -6.45 11.44
CA LEU C 136 30.72 -7.45 12.30
C LEU C 136 29.88 -7.69 13.55
N SER C 137 29.33 -6.63 14.13
CA SER C 137 28.46 -6.77 15.30
C SER C 137 27.19 -7.53 14.94
N VAL C 138 26.62 -7.26 13.76
CA VAL C 138 25.42 -7.98 13.35
C VAL C 138 25.73 -9.47 13.20
N ILE C 139 26.85 -9.80 12.57
CA ILE C 139 27.21 -11.21 12.40
C ILE C 139 27.43 -11.88 13.75
N CYS C 140 28.16 -11.22 14.66
CA CYS C 140 28.44 -11.83 15.96
C CYS C 140 27.16 -12.01 16.76
N HIS C 141 26.26 -11.02 16.72
CA HIS C 141 25.00 -11.12 17.47
C HIS C 141 24.12 -12.23 16.90
N THR C 142 24.05 -12.36 15.59
CA THR C 142 23.22 -13.42 15.00
C THR C 142 23.90 -14.78 15.03
N LEU C 143 25.18 -14.85 15.38
CA LEU C 143 25.88 -16.11 15.51
C LEU C 143 26.43 -16.32 16.92
N THR C 144 25.74 -15.76 17.91
CA THR C 144 26.06 -15.87 19.34
C THR C 144 27.57 -15.88 19.60
N LEU C 145 28.21 -14.79 19.19
CA LEU C 145 29.65 -14.62 19.36
C LEU C 145 29.93 -13.32 20.08
N PRO C 146 31.07 -13.24 20.78
CA PRO C 146 31.40 -12.00 21.49
C PRO C 146 31.56 -10.83 20.53
N ASP C 147 31.23 -9.65 21.03
CA ASP C 147 31.26 -8.44 20.20
C ASP C 147 32.70 -8.16 19.78
N PRO C 148 33.00 -8.05 18.48
CA PRO C 148 34.38 -7.85 18.05
C PRO C 148 34.92 -6.46 18.35
N ALA C 149 34.09 -5.52 18.79
CA ALA C 149 34.58 -4.18 19.09
C ALA C 149 35.61 -4.21 20.20
N GLY C 150 36.71 -3.49 20.00
CA GLY C 150 37.78 -3.46 20.98
C GLY C 150 38.69 -4.66 20.98
N ARG C 151 38.51 -5.59 20.05
CA ARG C 151 39.30 -6.81 19.98
C ARG C 151 40.18 -6.81 18.74
N ASP C 152 41.14 -7.71 18.73
CA ASP C 152 42.01 -7.86 17.58
C ASP C 152 41.21 -8.39 16.39
N PRO C 153 41.36 -7.80 15.20
CA PRO C 153 40.54 -8.25 14.07
C PRO C 153 40.85 -9.67 13.64
N THR C 154 42.11 -10.10 13.69
CA THR C 154 42.45 -11.46 13.31
C THR C 154 41.82 -12.47 14.26
N ASP C 155 41.81 -12.16 15.56
CA ASP C 155 41.22 -13.07 16.54
C ASP C 155 39.73 -13.25 16.28
N THR C 156 39.01 -12.15 16.07
CA THR C 156 37.58 -12.23 15.79
C THR C 156 37.31 -12.94 14.47
N PHE C 157 38.14 -12.69 13.46
CA PHE C 157 37.97 -13.36 12.17
C PHE C 157 38.16 -14.86 12.30
N THR C 158 39.19 -15.29 13.05
CA THR C 158 39.37 -16.71 13.28
C THR C 158 38.22 -17.29 14.08
N ASP C 159 37.70 -16.53 15.04
CA ASP C 159 36.58 -17.00 15.84
C ASP C 159 35.35 -17.25 14.97
N ILE C 160 34.98 -16.28 14.13
CA ILE C 160 33.80 -16.45 13.28
C ILE C 160 34.06 -17.54 12.25
N GLN C 161 35.29 -17.63 11.75
CA GLN C 161 35.64 -18.70 10.83
C GLN C 161 35.37 -20.06 11.46
N THR C 162 35.90 -20.29 12.65
CA THR C 162 35.68 -21.57 13.33
C THR C 162 34.21 -21.78 13.67
N GLN C 163 33.49 -20.70 13.99
CA GLN C 163 32.07 -20.82 14.33
C GLN C 163 31.25 -21.30 13.14
N VAL C 164 31.52 -20.75 11.95
CA VAL C 164 30.64 -20.99 10.81
C VAL C 164 30.56 -22.47 10.46
N ASN C 165 31.70 -23.16 10.44
CA ASN C 165 31.71 -24.55 10.00
C ASN C 165 30.85 -25.44 10.90
N VAL C 166 30.85 -25.19 12.20
CA VAL C 166 30.14 -26.09 13.12
C VAL C 166 28.65 -26.12 12.84
N LEU C 167 28.09 -25.05 12.27
CA LEU C 167 26.73 -25.11 11.76
C LEU C 167 26.66 -25.42 10.28
N LEU C 168 27.77 -25.31 9.55
CA LEU C 168 27.76 -25.62 8.13
C LEU C 168 27.46 -27.10 7.89
N GLU C 169 28.19 -27.99 8.59
CA GLU C 169 27.98 -29.42 8.36
C GLU C 169 26.77 -29.97 9.09
N LYS C 170 26.27 -29.28 10.12
CA LYS C 170 25.07 -29.72 10.79
C LYS C 170 23.86 -29.66 9.86
N LEU C 171 23.76 -28.59 9.08
CA LEU C 171 22.74 -28.46 8.06
C LEU C 171 23.19 -29.17 6.78
N PRO C 172 22.24 -29.58 5.94
CA PRO C 172 22.63 -30.22 4.67
C PRO C 172 23.42 -29.26 3.79
N GLU C 173 24.27 -29.84 2.94
CA GLU C 173 25.14 -29.03 2.09
C GLU C 173 24.31 -28.14 1.17
N THR C 174 23.23 -28.67 0.62
CA THR C 174 22.39 -27.89 -0.29
C THR C 174 21.50 -26.94 0.50
N HIS C 175 22.11 -26.12 1.35
CA HIS C 175 21.39 -25.10 2.10
C HIS C 175 21.84 -23.69 1.72
N ILE C 176 23.14 -23.41 1.78
CA ILE C 176 23.64 -22.12 1.33
C ILE C 176 23.42 -21.97 -0.17
N GLY C 177 23.73 -23.01 -0.94
CA GLY C 177 23.53 -22.99 -2.37
C GLY C 177 24.67 -22.29 -3.09
N ALA C 178 24.59 -22.33 -4.41
CA ALA C 178 25.60 -21.69 -5.25
C ALA C 178 25.16 -20.29 -5.63
N PRO C 179 26.09 -19.36 -5.80
CA PRO C 179 25.71 -17.99 -6.17
C PRO C 179 25.02 -17.94 -7.52
N ALA C 180 24.03 -17.05 -7.64
CA ALA C 180 23.36 -16.86 -8.92
C ALA C 180 24.25 -16.13 -9.91
N LEU C 181 25.11 -15.23 -9.43
CA LEU C 181 26.05 -14.51 -10.29
C LEU C 181 27.28 -15.39 -10.48
N GLN C 182 27.26 -16.23 -11.50
CA GLN C 182 28.30 -17.24 -11.70
C GLN C 182 29.50 -16.71 -12.48
N ARG C 183 29.24 -16.03 -13.59
CA ARG C 183 30.33 -15.53 -14.42
C ARG C 183 31.12 -14.45 -13.70
N SER C 184 32.42 -14.40 -13.99
CA SER C 184 33.29 -13.40 -13.39
C SER C 184 33.11 -12.06 -14.08
N ILE C 185 33.13 -10.99 -13.29
CA ILE C 185 32.93 -9.63 -13.79
C ILE C 185 34.19 -8.82 -13.52
N SER C 186 34.72 -8.19 -14.57
CA SER C 186 35.90 -7.35 -14.45
C SER C 186 35.52 -5.98 -13.88
N ALA C 187 36.54 -5.23 -13.48
CA ALA C 187 36.32 -3.92 -12.88
C ALA C 187 35.71 -2.92 -13.86
N GLU C 188 35.91 -3.12 -15.17
CA GLU C 188 35.37 -2.19 -16.15
C GLU C 188 33.84 -2.20 -16.15
N GLN C 189 33.23 -3.38 -16.03
CA GLN C 189 31.79 -3.50 -16.09
C GLN C 189 31.09 -3.00 -14.83
N TRP C 190 31.82 -2.77 -13.74
CA TRP C 190 31.18 -2.44 -12.47
C TRP C 190 30.57 -1.04 -12.49
N GLU C 191 31.19 -0.09 -13.20
CA GLU C 191 30.59 1.23 -13.32
C GLU C 191 29.26 1.17 -14.04
N GLU C 192 29.20 0.42 -15.14
CA GLU C 192 27.94 0.26 -15.87
C GLU C 192 26.91 -0.46 -15.02
N LEU C 193 27.34 -1.47 -14.25
CA LEU C 193 26.43 -2.15 -13.35
C LEU C 193 25.86 -1.21 -12.31
N GLU C 194 26.70 -0.34 -11.75
CA GLU C 194 26.23 0.63 -10.78
C GLU C 194 25.23 1.60 -11.38
N LYS C 195 25.49 2.06 -12.62
CA LYS C 195 24.54 2.95 -13.27
C LYS C 195 23.19 2.26 -13.51
N ILE C 196 23.23 0.99 -13.95
CA ILE C 196 21.99 0.25 -14.15
C ILE C 196 21.24 0.10 -12.84
N ASN C 197 21.96 -0.21 -11.76
CA ASN C 197 21.31 -0.31 -10.46
C ASN C 197 20.69 1.01 -10.04
N SER C 198 21.37 2.12 -10.31
CA SER C 198 20.85 3.43 -9.92
C SER C 198 19.56 3.75 -10.65
N THR C 199 19.52 3.55 -11.97
CA THR C 199 18.29 3.87 -12.70
C THR C 199 17.15 2.93 -12.30
N LEU C 200 17.45 1.64 -12.09
CA LEU C 200 16.42 0.73 -11.63
C LEU C 200 15.89 1.15 -10.27
N SER C 201 16.78 1.58 -9.37
CA SER C 201 16.36 2.03 -8.05
C SER C 201 15.45 3.24 -8.14
N ALA C 202 15.77 4.20 -9.01
CA ALA C 202 14.92 5.38 -9.16
C ALA C 202 13.53 4.99 -9.65
N GLU C 203 13.46 4.14 -10.68
CA GLU C 203 12.16 3.75 -11.22
C GLU C 203 11.32 3.02 -10.16
N TYR C 204 11.95 2.09 -9.44
CA TYR C 204 11.18 1.32 -8.47
C TYR C 204 10.82 2.16 -7.24
N GLU C 205 11.62 3.17 -6.91
CA GLU C 205 11.20 4.12 -5.89
C GLU C 205 9.94 4.85 -6.31
N CYS C 206 9.87 5.28 -7.57
CA CYS C 206 8.65 5.91 -8.06
C CYS C 206 7.45 4.98 -7.96
N ARG C 207 7.64 3.71 -8.34
CA ARG C 207 6.55 2.75 -8.26
C ARG C 207 6.08 2.55 -6.82
N ARG C 208 7.03 2.45 -5.89
CA ARG C 208 6.67 2.28 -4.48
C ARG C 208 5.91 3.48 -3.95
N ARG C 209 6.33 4.69 -4.34
CA ARG C 209 5.62 5.88 -3.90
C ARG C 209 4.18 5.89 -4.42
N MET C 210 3.98 5.47 -5.67
CA MET C 210 2.63 5.37 -6.20
C MET C 210 1.79 4.37 -5.40
N LEU C 211 2.39 3.24 -5.03
CA LEU C 211 1.66 2.24 -4.24
C LEU C 211 1.23 2.81 -2.90
N ILE C 212 2.13 3.51 -2.22
CA ILE C 212 1.81 4.09 -0.92
C ILE C 212 0.70 5.12 -1.06
N LYS C 213 0.74 5.93 -2.13
CA LYS C 213 -0.33 6.90 -2.35
C LYS C 213 -1.67 6.22 -2.59
N ARG C 214 -1.67 5.09 -3.30
CA ARG C 214 -2.91 4.33 -3.46
C ARG C 214 -3.46 3.91 -2.10
N LEU C 215 -2.59 3.44 -1.20
CA LEU C 215 -3.06 3.08 0.13
C LEU C 215 -3.62 4.30 0.84
N ASP C 216 -3.00 5.46 0.66
CA ASP C 216 -3.48 6.69 1.28
C ASP C 216 -4.91 6.99 0.83
N VAL C 217 -5.15 6.90 -0.47
CA VAL C 217 -6.50 7.16 -1.01
C VAL C 217 -7.50 6.15 -0.46
N THR C 218 -7.13 4.88 -0.40
CA THR C 218 -8.06 3.87 0.11
C THR C 218 -8.43 4.13 1.56
N VAL C 219 -7.46 4.48 2.40
CA VAL C 219 -7.79 4.74 3.80
C VAL C 219 -8.59 6.03 3.95
N GLN C 220 -8.35 7.01 3.09
CA GLN C 220 -9.18 8.22 3.12
C GLN C 220 -10.63 7.87 2.80
N SER C 221 -10.85 7.01 1.80
CA SER C 221 -12.20 6.56 1.50
C SER C 221 -12.79 5.80 2.68
N PHE C 222 -11.96 5.05 3.41
CA PHE C 222 -12.43 4.38 4.62
C PHE C 222 -12.92 5.37 5.66
N SER C 223 -12.19 6.46 5.85
CA SER C 223 -12.39 7.32 7.01
C SER C 223 -13.75 8.00 7.05
N TRP C 224 -14.50 8.00 5.95
CA TRP C 224 -15.78 8.69 5.89
C TRP C 224 -16.96 7.81 6.31
N SER C 225 -16.70 6.58 6.76
CA SER C 225 -17.77 5.69 7.17
C SER C 225 -18.43 6.20 8.46
N ASP C 226 -19.68 5.79 8.66
CA ASP C 226 -20.40 6.19 9.87
C ASP C 226 -19.76 5.59 11.11
N ARG C 227 -19.34 4.32 11.03
CA ARG C 227 -18.65 3.70 12.16
C ARG C 227 -17.27 4.31 12.39
N ALA C 228 -16.68 4.91 11.34
CA ALA C 228 -15.38 5.54 11.48
C ALA C 228 -15.44 6.77 12.38
N LYS C 229 -16.63 7.31 12.64
CA LYS C 229 -16.78 8.45 13.51
C LYS C 229 -17.03 8.08 14.97
N VAL C 230 -17.20 6.80 15.26
CA VAL C 230 -17.45 6.35 16.63
C VAL C 230 -16.38 5.40 17.14
N LYS C 231 -15.47 4.92 16.28
CA LYS C 231 -14.45 3.97 16.69
C LYS C 231 -13.06 4.54 16.42
N ILE C 232 -12.84 5.79 16.81
CA ILE C 232 -11.59 6.47 16.46
C ILE C 232 -10.42 5.86 17.22
N ASP C 233 -10.62 5.47 18.48
CA ASP C 233 -9.53 4.91 19.28
C ASP C 233 -8.95 3.66 18.64
N GLN C 234 -9.81 2.69 18.31
CA GLN C 234 -9.33 1.43 17.76
C GLN C 234 -8.68 1.66 16.40
N MET C 235 -9.27 2.51 15.56
CA MET C 235 -8.71 2.79 14.25
C MET C 235 -7.31 3.40 14.38
N ALA C 236 -7.16 4.39 15.27
CA ALA C 236 -5.85 5.00 15.46
C ALA C 236 -4.84 3.97 15.96
N ARG C 237 -5.23 3.19 16.97
CA ARG C 237 -4.30 2.24 17.57
C ARG C 237 -3.87 1.18 16.57
N ALA C 238 -4.77 0.72 15.72
CA ALA C 238 -4.47 -0.34 14.78
C ALA C 238 -3.98 0.17 13.43
N TYR C 239 -3.93 1.48 13.22
CA TYR C 239 -3.50 2.02 11.93
C TYR C 239 -2.23 2.84 12.00
N GLN C 240 -2.05 3.67 13.02
CA GLN C 240 -0.89 4.56 13.04
C GLN C 240 0.44 3.83 12.99
N PRO C 241 0.73 2.84 13.85
CA PRO C 241 2.06 2.22 13.78
C PRO C 241 2.25 1.36 12.54
N LYS C 242 1.20 0.72 12.05
CA LYS C 242 1.31 -0.04 10.81
C LYS C 242 1.61 0.87 9.63
N ARG C 243 0.93 2.01 9.54
CA ARG C 243 1.08 2.89 8.38
C ARG C 243 2.39 3.66 8.41
N HIS C 244 2.77 4.19 9.57
CA HIS C 244 3.93 5.07 9.61
C HIS C 244 5.25 4.32 9.68
N SER C 245 5.25 3.03 9.31
CA SER C 245 6.48 2.27 9.18
C SER C 245 6.88 2.01 7.73
N LEU C 246 5.96 2.18 6.78
CA LEU C 246 6.29 2.02 5.37
C LEU C 246 7.23 3.12 4.91
N SER C 247 8.08 2.77 3.94
CA SER C 247 9.04 3.72 3.38
C SER C 247 9.05 3.58 1.87
N VAL C 248 9.31 4.70 1.19
CA VAL C 248 9.38 4.69 -0.27
C VAL C 248 10.75 4.31 -0.80
N ARG C 249 11.79 4.41 0.03
CA ARG C 249 13.15 4.15 -0.43
C ARG C 249 13.35 2.68 -0.74
N SER C 250 14.09 2.40 -1.82
CA SER C 250 14.44 1.04 -2.20
C SER C 250 15.84 0.73 -1.68
N SER C 251 15.97 -0.40 -0.99
CA SER C 251 17.21 -0.74 -0.29
C SER C 251 18.12 -1.68 -1.08
N VAL C 252 17.77 -2.01 -2.33
CA VAL C 252 18.60 -2.92 -3.12
C VAL C 252 19.92 -2.24 -3.43
N SER C 253 21.02 -2.97 -3.24
CA SER C 253 22.36 -2.47 -3.53
C SER C 253 23.14 -3.58 -4.22
N LEU C 254 24.40 -3.28 -4.58
CA LEU C 254 25.24 -4.27 -5.22
C LEU C 254 25.61 -5.41 -4.28
N ALA C 255 25.64 -5.12 -2.97
CA ALA C 255 25.94 -6.18 -2.00
C ALA C 255 24.87 -7.26 -2.05
N HIS C 256 23.61 -6.88 -2.24
CA HIS C 256 22.56 -7.88 -2.41
C HIS C 256 22.78 -8.70 -3.67
N LEU C 257 23.29 -8.09 -4.73
CA LEU C 257 23.59 -8.82 -5.94
C LEU C 257 24.70 -9.85 -5.71
N LEU C 258 25.76 -9.44 -5.00
CA LEU C 258 26.85 -10.37 -4.72
C LEU C 258 26.40 -11.50 -3.80
N ALA C 259 25.59 -11.18 -2.79
CA ALA C 259 25.15 -12.16 -1.81
C ALA C 259 23.95 -12.96 -2.27
N ALA C 260 23.35 -12.62 -3.40
CA ALA C 260 22.21 -13.38 -3.89
C ALA C 260 22.63 -14.78 -4.31
N ARG C 261 21.82 -15.76 -3.94
CA ARG C 261 22.09 -17.15 -4.27
C ARG C 261 21.22 -17.58 -5.45
N ARG C 262 21.37 -18.84 -5.86
CA ARG C 262 20.67 -19.35 -7.03
C ARG C 262 19.18 -19.57 -6.78
N ASP C 263 18.72 -19.48 -5.53
CA ASP C 263 17.30 -19.71 -5.26
C ASP C 263 16.43 -18.55 -5.70
N ILE C 264 16.98 -17.32 -5.69
CA ILE C 264 16.19 -16.17 -6.12
C ILE C 264 16.02 -16.13 -7.63
N CYS C 265 16.84 -16.88 -8.37
CA CYS C 265 16.81 -16.87 -9.82
C CYS C 265 16.06 -18.07 -10.40
N ASN C 266 15.32 -18.81 -9.57
CA ASN C 266 14.59 -19.98 -10.05
C ASN C 266 13.43 -19.58 -10.96
N MET D 1 14.33 25.38 34.43
CA MET D 1 13.06 25.17 35.13
C MET D 1 12.18 24.24 34.31
N PHE D 2 11.88 23.07 34.88
CA PHE D 2 11.23 21.95 34.19
C PHE D 2 12.04 21.46 33.00
N ARG D 3 13.30 21.86 32.88
CA ARG D 3 14.08 21.51 31.69
C ARG D 3 14.35 20.01 31.63
N ARG D 4 14.84 19.42 32.71
CA ARG D 4 15.16 18.00 32.70
C ARG D 4 13.90 17.15 32.51
N LYS D 5 12.82 17.49 33.20
CA LYS D 5 11.59 16.71 33.09
C LYS D 5 11.01 16.78 31.67
N LEU D 6 11.01 17.97 31.08
CA LEU D 6 10.51 18.12 29.71
C LEU D 6 11.40 17.37 28.73
N THR D 7 12.72 17.46 28.91
CA THR D 7 13.64 16.77 28.00
C THR D 7 13.50 15.26 28.10
N ALA D 8 13.26 14.73 29.29
CA ALA D 8 13.03 13.30 29.43
C ALA D 8 11.77 12.87 28.69
N LEU D 9 10.79 13.75 28.56
CA LEU D 9 9.57 13.47 27.83
C LEU D 9 9.67 13.83 26.35
N GLU D 10 10.84 14.30 25.90
CA GLU D 10 11.07 14.67 24.51
C GLU D 10 10.12 15.78 24.06
N TYR D 11 10.26 16.93 24.70
CA TYR D 11 9.50 18.11 24.33
C TYR D 11 10.24 18.88 23.24
N HIS D 12 9.46 19.51 22.35
CA HIS D 12 10.06 20.20 21.21
C HIS D 12 10.70 21.52 21.57
N ASN D 13 10.31 22.14 22.69
CA ASN D 13 10.89 23.40 23.15
C ASN D 13 11.27 23.27 24.61
N PRO D 14 12.31 22.49 24.92
CA PRO D 14 12.68 22.28 26.34
C PRO D 14 13.07 23.56 27.06
N THR D 15 13.69 24.51 26.36
CA THR D 15 14.20 25.72 27.00
C THR D 15 13.18 26.86 26.99
N GLY D 16 12.43 27.01 25.92
CA GLY D 16 11.51 28.12 25.76
C GLY D 16 10.20 28.01 26.49
N PHE D 17 10.02 26.99 27.32
CA PHE D 17 8.78 26.83 28.06
C PHE D 17 8.65 27.89 29.14
N ASP D 18 7.46 28.50 29.23
CA ASP D 18 7.14 29.47 30.27
C ASP D 18 5.79 29.09 30.88
N CYS D 19 5.76 28.97 32.21
CA CYS D 19 4.53 28.53 32.86
C CYS D 19 3.48 29.64 32.90
N LYS D 20 3.90 30.90 33.02
CA LYS D 20 2.96 31.99 33.23
C LYS D 20 2.26 32.45 31.97
N ASP D 21 2.64 31.95 30.79
CA ASP D 21 1.98 32.34 29.56
C ASP D 21 0.57 31.78 29.51
N GLU D 22 -0.26 32.39 28.67
CA GLU D 22 -1.68 32.03 28.60
C GLU D 22 -1.95 30.97 27.55
N THR D 23 -1.68 31.28 26.28
CA THR D 23 -1.98 30.35 25.20
C THR D 23 -0.99 29.19 25.16
N GLU D 24 0.30 29.48 25.31
CA GLU D 24 1.31 28.43 25.22
C GLU D 24 1.17 27.42 26.34
N PHE D 25 0.70 27.85 27.52
CA PHE D 25 0.42 26.90 28.59
C PHE D 25 -0.66 25.91 28.17
N ARG D 26 -1.73 26.40 27.53
CA ARG D 26 -2.77 25.51 27.04
C ARG D 26 -2.26 24.59 25.95
N ASN D 27 -1.40 25.10 25.07
CA ASN D 27 -0.79 24.27 24.04
C ASN D 27 0.01 23.13 24.66
N PHE D 28 0.81 23.45 25.67
CA PHE D 28 1.58 22.42 26.35
C PHE D 28 0.68 21.42 27.06
N ILE D 29 -0.40 21.90 27.68
CA ILE D 29 -1.31 21.01 28.38
C ILE D 29 -1.94 20.02 27.41
N VAL D 30 -2.39 20.52 26.25
CA VAL D 30 -3.01 19.62 25.28
C VAL D 30 -1.98 18.65 24.70
N TRP D 31 -0.74 19.12 24.49
CA TRP D 31 0.31 18.22 24.01
C TRP D 31 0.57 17.11 25.02
N LEU D 32 0.66 17.46 26.30
CA LEU D 32 0.90 16.47 27.33
C LEU D 32 -0.27 15.50 27.41
N GLU D 33 -1.49 15.99 27.24
CA GLU D 33 -2.65 15.12 27.34
C GLU D 33 -2.72 14.13 26.19
N ASP D 34 -2.45 14.59 24.96
CA ASP D 34 -2.59 13.70 23.81
C ASP D 34 -1.30 12.95 23.47
N GLN D 35 -0.20 13.23 24.17
CA GLN D 35 1.08 12.59 23.84
C GLN D 35 1.64 11.77 24.99
N LYS D 36 1.69 12.33 26.20
CA LYS D 36 2.45 11.72 27.29
C LYS D 36 1.59 11.21 28.44
N ILE D 37 0.27 11.41 28.39
CA ILE D 37 -0.59 10.90 29.45
C ILE D 37 -1.66 10.01 28.84
N ARG D 38 -2.42 10.54 27.88
CA ARG D 38 -3.39 9.78 27.10
C ARG D 38 -4.43 9.11 28.01
N HIS D 39 -5.21 9.95 28.69
CA HIS D 39 -6.22 9.42 29.61
C HIS D 39 -7.51 9.06 28.88
N TYR D 40 -8.12 10.02 28.19
CA TYR D 40 -9.38 9.78 27.49
C TYR D 40 -9.13 9.34 26.05
N LYS D 41 -10.20 9.23 25.28
CA LYS D 41 -10.11 8.95 23.86
C LYS D 41 -9.70 10.22 23.12
N ILE D 42 -9.33 10.05 21.83
CA ILE D 42 -8.97 11.20 21.03
C ILE D 42 -10.16 12.13 20.82
N GLU D 43 -11.33 11.56 20.53
CA GLU D 43 -12.49 12.38 20.24
C GLU D 43 -13.04 13.09 21.46
N ASP D 44 -12.83 12.54 22.66
CA ASP D 44 -13.38 13.15 23.86
C ASP D 44 -12.62 14.41 24.27
N ARG D 45 -11.35 14.49 23.91
CA ARG D 45 -10.50 15.62 24.30
C ARG D 45 -10.89 16.93 23.63
N GLY D 46 -11.94 16.94 22.81
CA GLY D 46 -12.24 18.12 22.01
C GLY D 46 -12.45 19.37 22.84
N ASN D 47 -13.24 19.26 23.92
CA ASN D 47 -13.45 20.42 24.78
C ASN D 47 -12.14 20.90 25.39
N LEU D 48 -11.25 19.97 25.72
CA LEU D 48 -9.93 20.37 26.21
C LEU D 48 -9.05 20.88 25.09
N ARG D 49 -9.28 20.42 23.86
CA ARG D 49 -8.45 20.84 22.74
C ARG D 49 -8.70 22.29 22.36
N ASN D 50 -9.94 22.77 22.54
CA ASN D 50 -10.30 24.12 22.12
C ASN D 50 -9.55 25.11 23.00
N ILE D 51 -8.53 25.75 22.44
CA ILE D 51 -7.59 26.57 23.19
C ILE D 51 -8.13 27.96 23.53
N PRO D 52 -8.58 28.77 22.56
CA PRO D 52 -8.85 30.18 22.87
C PRO D 52 -10.19 30.45 23.55
N SER D 53 -11.00 29.43 23.80
CA SER D 53 -12.28 29.65 24.44
C SER D 53 -12.10 30.09 25.89
N SER D 54 -13.06 30.86 26.38
CA SER D 54 -13.04 31.31 27.76
C SER D 54 -13.54 30.27 28.75
N ASP D 55 -14.21 29.23 28.28
CA ASP D 55 -14.69 28.15 29.13
C ASP D 55 -13.69 27.01 29.25
N TRP D 56 -12.51 27.16 28.65
CA TRP D 56 -11.48 26.12 28.76
C TRP D 56 -11.08 25.80 30.19
N PRO D 57 -10.89 26.77 31.10
CA PRO D 57 -10.50 26.40 32.47
C PRO D 57 -11.44 25.44 33.17
N LYS D 58 -12.74 25.48 32.88
CA LYS D 58 -13.65 24.51 33.48
C LYS D 58 -13.31 23.09 33.04
N TYR D 59 -13.05 22.90 31.75
CA TYR D 59 -12.61 21.59 31.27
C TYR D 59 -11.26 21.20 31.85
N PHE D 60 -10.39 22.18 32.08
CA PHE D 60 -9.12 21.90 32.75
C PHE D 60 -9.35 21.38 34.16
N GLU D 61 -10.29 22.00 34.89
CA GLU D 61 -10.61 21.52 36.23
C GLU D 61 -11.18 20.11 36.18
N LYS D 62 -12.06 19.83 35.22
CA LYS D 62 -12.59 18.49 35.08
C LYS D 62 -11.49 17.48 34.81
N TYR D 63 -10.55 17.83 33.93
CA TYR D 63 -9.44 16.92 33.62
C TYR D 63 -8.56 16.69 34.84
N LEU D 64 -8.26 17.75 35.60
CA LEU D 64 -7.43 17.60 36.80
C LEU D 64 -8.13 16.74 37.84
N GLN D 65 -9.45 16.91 37.99
CA GLN D 65 -10.19 16.09 38.95
C GLN D 65 -10.28 14.64 38.51
N ASP D 66 -10.35 14.38 37.20
CA ASP D 66 -10.47 13.01 36.73
C ASP D 66 -9.21 12.21 37.02
N VAL D 67 -8.03 12.79 36.79
CA VAL D 67 -6.78 12.10 37.11
C VAL D 67 -6.48 12.11 38.59
N ASN D 68 -7.31 12.77 39.40
CA ASN D 68 -7.15 12.82 40.85
C ASN D 68 -5.82 13.46 41.25
N CYS D 69 -5.54 14.62 40.66
CA CYS D 69 -4.35 15.37 41.02
C CYS D 69 -4.57 16.05 42.38
N PRO D 70 -3.62 15.95 43.31
CA PRO D 70 -3.82 16.56 44.63
C PRO D 70 -3.93 18.08 44.63
N PHE D 71 -3.48 18.75 43.57
CA PHE D 71 -3.50 20.21 43.53
C PHE D 71 -4.49 20.70 42.48
N SER D 72 -4.52 22.01 42.26
CA SER D 72 -5.42 22.64 41.30
C SER D 72 -4.68 23.79 40.62
N VAL D 73 -5.38 24.47 39.71
CA VAL D 73 -4.76 25.55 38.94
C VAL D 73 -4.48 26.78 39.77
N GLN D 74 -4.93 26.82 41.03
CA GLN D 74 -4.55 27.91 41.91
C GLN D 74 -3.02 28.00 42.05
N GLU D 75 -2.34 26.86 41.90
CA GLU D 75 -0.88 26.80 41.80
C GLU D 75 -0.56 26.14 40.45
N ARG D 76 -0.36 26.98 39.43
CA ARG D 76 -0.09 26.46 38.09
C ARG D 76 1.21 25.66 38.05
N GLN D 77 2.25 26.17 38.69
CA GLN D 77 3.54 25.50 38.69
C GLN D 77 3.47 24.15 39.40
N GLU D 78 2.67 24.07 40.47
CA GLU D 78 2.50 22.82 41.19
C GLU D 78 1.91 21.74 40.28
N THR D 79 0.83 22.08 39.58
CA THR D 79 0.20 21.11 38.68
C THR D 79 1.12 20.78 37.50
N VAL D 80 1.88 21.76 37.02
CA VAL D 80 2.82 21.49 35.93
C VAL D 80 3.83 20.44 36.37
N ASP D 81 4.42 20.62 37.55
CA ASP D 81 5.39 19.65 38.05
C ASP D 81 4.75 18.30 38.31
N TRP D 82 3.55 18.27 38.88
CA TRP D 82 2.91 17.00 39.16
C TRP D 82 2.61 16.23 37.88
N LEU D 83 2.12 16.93 36.86
CA LEU D 83 1.80 16.27 35.59
C LEU D 83 3.07 15.81 34.88
N LEU D 84 4.14 16.60 34.95
CA LEU D 84 5.41 16.17 34.38
C LEU D 84 5.92 14.92 35.08
N GLY D 85 5.84 14.90 36.42
CA GLY D 85 6.25 13.71 37.15
C GLY D 85 5.39 12.51 36.82
N LEU D 86 4.08 12.71 36.65
CA LEU D 86 3.20 11.61 36.28
C LEU D 86 3.57 11.05 34.91
N ALA D 87 3.85 11.93 33.95
CA ALA D 87 4.25 11.46 32.62
C ALA D 87 5.57 10.71 32.67
N VAL D 88 6.55 11.22 33.43
CA VAL D 88 7.83 10.52 33.55
C VAL D 88 7.65 9.17 34.22
N ARG D 89 6.78 9.10 35.23
CA ARG D 89 6.49 7.83 35.88
C ARG D 89 5.83 6.85 34.91
N PHE D 90 4.92 7.35 34.08
CA PHE D 90 4.28 6.49 33.08
C PHE D 90 5.29 5.95 32.09
N GLU D 91 6.23 6.79 31.66
CA GLU D 91 7.29 6.32 30.77
C GLU D 91 8.22 5.34 31.48
N TYR D 92 8.37 5.48 32.80
CA TYR D 92 9.27 4.61 33.57
C TYR D 92 8.70 3.20 33.71
N GLY D 93 7.38 3.05 33.70
CA GLY D 93 6.77 1.77 33.94
C GLY D 93 6.75 0.82 32.77
N ASP D 94 7.75 0.92 31.89
CA ASP D 94 7.87 0.04 30.74
C ASP D 94 8.88 -1.07 31.00
N ASN D 95 10.13 -0.71 31.33
CA ASN D 95 11.19 -1.68 31.62
C ASN D 95 11.92 -1.15 32.85
N VAL D 96 11.48 -1.58 34.03
CA VAL D 96 12.02 -1.05 35.28
C VAL D 96 13.47 -1.46 35.46
N GLU D 97 13.80 -2.70 35.11
CA GLU D 97 15.13 -3.23 35.40
C GLU D 97 16.22 -2.45 34.65
N LYS D 98 16.01 -2.21 33.36
CA LYS D 98 17.04 -1.53 32.58
C LYS D 98 17.16 -0.06 32.98
N TYR D 99 16.05 0.58 33.34
CA TYR D 99 16.10 1.99 33.73
C TYR D 99 16.68 2.17 35.13
N ARG D 100 16.56 1.16 35.99
CA ARG D 100 17.10 1.29 37.34
C ARG D 100 18.62 1.18 37.37
N ASN D 101 19.20 0.44 36.41
CA ASN D 101 20.64 0.18 36.43
C ASN D 101 21.46 1.28 35.78
N CYS D 102 20.83 2.29 35.19
CA CYS D 102 21.59 3.37 34.56
C CYS D 102 22.34 4.17 35.61
N LYS D 103 23.59 4.50 35.28
CA LYS D 103 24.47 5.24 36.17
C LYS D 103 25.60 5.86 35.36
N PRO D 104 25.82 7.17 35.46
CA PRO D 104 26.90 7.80 34.70
C PRO D 104 28.26 7.45 35.26
N VAL D 105 29.27 7.56 34.41
CA VAL D 105 30.64 7.26 34.81
C VAL D 105 31.53 8.47 34.59
N ASN D 124 41.87 -1.01 6.00
CA ASN D 124 42.99 -1.00 5.07
C ASN D 124 44.12 -1.90 5.57
N ASN D 125 43.90 -2.53 6.71
CA ASN D 125 44.91 -3.44 7.27
C ASN D 125 44.99 -4.69 6.40
N PRO D 126 46.18 -5.11 5.98
CA PRO D 126 46.27 -6.25 5.06
C PRO D 126 45.69 -7.54 5.62
N ASP D 127 45.85 -7.79 6.92
CA ASP D 127 45.28 -9.00 7.51
C ASP D 127 43.76 -8.92 7.55
N PHE D 128 43.21 -7.72 7.78
CA PHE D 128 41.76 -7.53 7.72
C PHE D 128 41.22 -7.92 6.34
N LYS D 129 41.87 -7.42 5.29
CA LYS D 129 41.44 -7.74 3.93
C LYS D 129 41.62 -9.22 3.64
N ALA D 130 42.71 -9.83 4.11
CA ALA D 130 42.92 -11.25 3.89
C ALA D 130 41.85 -12.08 4.58
N GLY D 131 41.48 -11.72 5.80
CA GLY D 131 40.42 -12.44 6.49
C GLY D 131 39.08 -12.29 5.80
N VAL D 132 38.76 -11.09 5.33
CA VAL D 132 37.52 -10.89 4.59
C VAL D 132 37.52 -11.72 3.31
N LEU D 133 38.67 -11.77 2.62
CA LEU D 133 38.77 -12.56 1.39
C LEU D 133 38.56 -14.04 1.69
N ALA D 134 39.16 -14.54 2.77
CA ALA D 134 38.98 -15.94 3.12
C ALA D 134 37.53 -16.24 3.46
N LEU D 135 36.89 -15.36 4.23
CA LEU D 135 35.49 -15.57 4.59
C LEU D 135 34.59 -15.56 3.36
N ALA D 136 34.85 -14.63 2.43
CA ALA D 136 34.07 -14.58 1.20
C ALA D 136 34.29 -15.82 0.35
N ASN D 137 35.53 -16.30 0.28
CA ASN D 137 35.81 -17.51 -0.50
C ASN D 137 35.10 -18.72 0.09
N LEU D 138 35.04 -18.80 1.43
CA LEU D 138 34.36 -19.93 2.06
C LEU D 138 32.86 -19.91 1.75
N LEU D 139 32.27 -18.73 1.66
CA LEU D 139 30.83 -18.60 1.47
C LEU D 139 30.44 -18.31 0.03
N LYS D 140 31.34 -18.55 -0.92
CA LYS D 140 31.06 -18.42 -2.35
C LYS D 140 30.54 -17.01 -2.69
N ILE D 141 31.40 -16.03 -2.46
CA ILE D 141 31.14 -14.64 -2.83
C ILE D 141 32.26 -14.19 -3.76
N GLN D 142 31.88 -13.67 -4.93
CA GLN D 142 32.87 -13.25 -5.91
C GLN D 142 33.65 -12.06 -5.40
N ARG D 143 34.95 -12.03 -5.72
CA ARG D 143 35.82 -10.95 -5.28
C ARG D 143 35.41 -9.64 -5.91
N HIS D 144 35.61 -8.56 -5.17
CA HIS D 144 35.27 -7.21 -5.62
C HIS D 144 36.42 -6.27 -5.33
N ASP D 145 36.44 -5.16 -6.06
CA ASP D 145 37.52 -4.18 -5.92
C ASP D 145 37.55 -3.58 -4.51
N ASP D 146 36.39 -3.24 -3.97
CA ASP D 146 36.31 -2.62 -2.65
C ASP D 146 36.23 -3.71 -1.61
N TYR D 147 37.01 -3.57 -0.53
CA TYR D 147 37.09 -4.59 0.50
C TYR D 147 35.92 -4.55 1.48
N LEU D 148 35.01 -3.58 1.35
CA LEU D 148 33.85 -3.50 2.23
C LEU D 148 32.59 -4.08 1.62
N VAL D 149 32.50 -4.14 0.29
CA VAL D 149 31.28 -4.60 -0.35
C VAL D 149 31.03 -6.07 -0.06
N MET D 150 32.05 -6.91 -0.23
CA MET D 150 31.84 -8.33 0.02
C MET D 150 31.62 -8.60 1.49
N LEU D 151 32.14 -7.76 2.38
CA LEU D 151 31.84 -7.92 3.80
C LEU D 151 30.35 -7.71 4.06
N LYS D 152 29.76 -6.68 3.44
CA LYS D 152 28.31 -6.50 3.53
C LYS D 152 27.58 -7.68 2.91
N ALA D 153 28.14 -8.26 1.85
CA ALA D 153 27.54 -9.45 1.25
C ALA D 153 27.50 -10.60 2.25
N ILE D 154 28.60 -10.83 2.97
CA ILE D 154 28.60 -11.85 4.02
C ILE D 154 27.58 -11.51 5.10
N LYS D 155 27.47 -10.23 5.45
CA LYS D 155 26.47 -9.83 6.45
C LYS D 155 25.07 -10.26 6.02
N ILE D 156 24.68 -9.88 4.80
CA ILE D 156 23.35 -10.22 4.32
C ILE D 156 23.16 -11.73 4.23
N LEU D 157 24.17 -12.44 3.73
CA LEU D 157 24.06 -13.89 3.58
C LEU D 157 23.88 -14.57 4.94
N VAL D 158 24.69 -14.19 5.93
CA VAL D 158 24.61 -14.80 7.25
C VAL D 158 23.27 -14.47 7.91
N GLN D 159 22.83 -13.22 7.80
CA GLN D 159 21.55 -12.85 8.40
C GLN D 159 20.40 -13.59 7.76
N GLU D 160 20.44 -13.79 6.44
CA GLU D 160 19.33 -14.45 5.76
C GLU D 160 19.32 -15.95 6.01
N ARG D 161 20.49 -16.59 5.96
CA ARG D 161 20.56 -18.05 5.98
C ARG D 161 21.03 -18.63 7.31
N LEU D 162 21.97 -17.98 8.00
CA LEU D 162 22.49 -18.50 9.26
C LEU D 162 21.75 -17.85 10.43
N THR D 163 20.48 -18.22 10.55
CA THR D 163 19.58 -17.73 11.59
C THR D 163 18.84 -18.92 12.18
N PRO D 164 18.39 -18.81 13.44
CA PRO D 164 17.66 -19.94 14.05
C PRO D 164 16.43 -20.37 13.26
N ASP D 165 15.70 -19.43 12.66
CA ASP D 165 14.52 -19.80 11.89
C ASP D 165 14.90 -20.65 10.69
N ALA D 166 15.94 -20.25 9.97
CA ALA D 166 16.35 -21.00 8.78
C ALA D 166 16.86 -22.38 9.13
N ILE D 167 17.67 -22.50 10.19
CA ILE D 167 18.17 -23.80 10.57
C ILE D 167 17.04 -24.69 11.09
N ALA D 168 16.04 -24.09 11.75
CA ALA D 168 14.87 -24.86 12.18
C ALA D 168 14.08 -25.36 10.98
N LYS D 169 13.93 -24.53 9.95
CA LYS D 169 13.18 -24.91 8.76
C LYS D 169 14.01 -25.71 7.77
N ALA D 170 15.29 -25.93 8.04
CA ALA D 170 16.13 -26.70 7.12
C ALA D 170 15.65 -28.13 7.00
N SER D 171 15.28 -28.75 8.11
CA SER D 171 14.80 -30.12 8.10
C SER D 171 13.36 -30.20 7.60
N VAL D 179 13.29 -23.78 -12.93
CA VAL D 179 13.23 -22.72 -13.93
C VAL D 179 14.60 -22.11 -14.13
N THR D 180 15.06 -22.07 -15.38
CA THR D 180 16.37 -21.52 -15.68
C THR D 180 16.35 -19.99 -15.60
N LEU D 181 17.55 -19.41 -15.54
CA LEU D 181 17.68 -17.96 -15.45
C LEU D 181 17.16 -17.27 -16.70
N ASP D 182 17.42 -17.84 -17.88
CA ASP D 182 17.01 -17.21 -19.12
C ASP D 182 15.51 -17.22 -19.33
N LYS D 183 14.77 -18.06 -18.59
CA LYS D 183 13.33 -18.14 -18.76
C LYS D 183 12.62 -16.87 -18.33
N HIS D 184 13.25 -16.04 -17.49
CA HIS D 184 12.68 -14.76 -17.13
C HIS D 184 12.92 -13.74 -18.23
N ILE D 185 12.20 -12.62 -18.15
CA ILE D 185 12.32 -11.54 -19.12
C ILE D 185 12.93 -10.34 -18.43
N LEU D 186 14.04 -9.84 -18.97
CA LEU D 186 14.70 -8.67 -18.43
C LEU D 186 13.95 -7.37 -18.74
N GLY D 187 13.15 -7.37 -19.82
CA GLY D 187 12.42 -6.19 -20.21
C GLY D 187 13.17 -5.25 -21.12
N PHE D 188 14.47 -5.47 -21.33
CA PHE D 188 15.27 -4.65 -22.22
C PHE D 188 16.50 -5.47 -22.61
N ASP D 189 17.49 -4.81 -23.20
CA ASP D 189 18.70 -5.49 -23.63
C ASP D 189 19.84 -4.48 -23.64
N THR D 190 20.83 -4.71 -22.78
CA THR D 190 22.02 -3.85 -22.74
C THR D 190 23.04 -4.23 -23.80
N GLY D 191 22.81 -5.31 -24.54
CA GLY D 191 23.73 -5.75 -25.57
C GLY D 191 24.87 -6.61 -25.09
N ASP D 192 24.95 -6.90 -23.80
CA ASP D 192 26.03 -7.69 -23.23
C ASP D 192 25.52 -9.08 -22.86
N ALA D 193 26.47 -10.01 -22.73
CA ALA D 193 26.15 -11.38 -22.33
C ALA D 193 26.34 -11.63 -20.85
N THR D 194 27.17 -10.84 -20.17
CA THR D 194 27.41 -11.00 -18.75
C THR D 194 26.71 -9.95 -17.90
N LEU D 195 26.57 -8.72 -18.38
CA LEU D 195 25.81 -7.71 -17.65
C LEU D 195 24.32 -8.01 -17.65
N ASN D 196 23.84 -8.82 -18.60
CA ASN D 196 22.43 -9.15 -18.63
C ASN D 196 22.02 -9.98 -17.42
N GLU D 197 22.88 -10.92 -17.01
CA GLU D 197 22.58 -11.71 -15.81
C GLU D 197 22.50 -10.82 -14.57
N ALA D 198 23.43 -9.87 -14.44
CA ALA D 198 23.41 -8.97 -13.31
C ALA D 198 22.17 -8.08 -13.33
N ALA D 199 21.76 -7.62 -14.51
CA ALA D 199 20.53 -6.83 -14.61
C ALA D 199 19.32 -7.65 -14.20
N GLN D 200 19.27 -8.91 -14.63
CA GLN D 200 18.16 -9.78 -14.24
C GLN D 200 18.11 -9.97 -12.73
N ILE D 201 19.28 -10.19 -12.11
CA ILE D 201 19.32 -10.38 -10.66
C ILE D 201 18.87 -9.13 -9.94
N LEU D 202 19.34 -7.96 -10.38
CA LEU D 202 18.92 -6.71 -9.74
C LEU D 202 17.42 -6.51 -9.88
N ARG D 203 16.86 -6.81 -11.05
CA ARG D 203 15.42 -6.68 -11.23
C ARG D 203 14.66 -7.61 -10.29
N LEU D 204 15.14 -8.84 -10.13
CA LEU D 204 14.47 -9.76 -9.22
C LEU D 204 14.51 -9.27 -7.78
N LEU D 205 15.64 -8.71 -7.36
CA LEU D 205 15.73 -8.18 -6.00
C LEU D 205 14.78 -7.00 -5.80
N HIS D 206 14.72 -6.10 -6.77
CA HIS D 206 13.80 -4.96 -6.67
C HIS D 206 12.35 -5.43 -6.61
N ILE D 207 11.99 -6.41 -7.43
CA ILE D 207 10.64 -6.94 -7.43
C ILE D 207 10.30 -7.54 -6.08
N GLU D 208 11.27 -8.24 -5.47
CA GLU D 208 11.02 -8.83 -4.15
C GLU D 208 10.79 -7.76 -3.09
N GLU D 209 11.58 -6.69 -3.11
CA GLU D 209 11.35 -5.60 -2.16
C GLU D 209 9.96 -4.98 -2.35
N LEU D 210 9.57 -4.77 -3.61
CA LEU D 210 8.26 -4.17 -3.86
C LEU D 210 7.14 -5.09 -3.40
N ARG D 211 7.33 -6.41 -3.56
CA ARG D 211 6.34 -7.37 -3.07
C ARG D 211 6.23 -7.32 -1.56
N GLU D 212 7.36 -7.18 -0.86
CA GLU D 212 7.32 -7.04 0.60
C GLU D 212 6.51 -5.81 1.01
N LEU D 213 6.76 -4.68 0.35
CA LEU D 213 6.00 -3.48 0.65
C LEU D 213 4.51 -3.69 0.42
N GLN D 214 4.16 -4.34 -0.69
CA GLN D 214 2.75 -4.59 -0.99
C GLN D 214 2.11 -5.48 0.06
N THR D 215 2.84 -6.49 0.54
CA THR D 215 2.30 -7.34 1.58
C THR D 215 2.03 -6.54 2.86
N LYS D 216 2.95 -5.64 3.22
CA LYS D 216 2.70 -4.80 4.38
C LYS D 216 1.46 -3.92 4.18
N ILE D 217 1.28 -3.38 2.98
CA ILE D 217 0.11 -2.53 2.71
C ILE D 217 -1.17 -3.34 2.86
N ASN D 218 -1.19 -4.57 2.32
CA ASN D 218 -2.36 -5.42 2.47
C ASN D 218 -2.65 -5.71 3.94
N GLU D 219 -1.60 -5.96 4.72
CA GLU D 219 -1.79 -6.21 6.15
C GLU D 219 -2.41 -5.00 6.84
N ALA D 220 -1.94 -3.80 6.51
CA ALA D 220 -2.48 -2.60 7.13
C ALA D 220 -3.95 -2.41 6.77
N ILE D 221 -4.31 -2.62 5.50
CA ILE D 221 -5.71 -2.48 5.10
C ILE D 221 -6.59 -3.49 5.82
N VAL D 222 -6.12 -4.73 5.93
CA VAL D 222 -6.89 -5.75 6.63
C VAL D 222 -7.09 -5.37 8.10
N ALA D 223 -6.02 -4.89 8.75
CA ALA D 223 -6.12 -4.52 10.15
C ALA D 223 -7.09 -3.37 10.36
N VAL D 224 -7.08 -2.38 9.47
CA VAL D 224 -8.01 -1.27 9.61
C VAL D 224 -9.45 -1.74 9.39
N GLN D 225 -9.68 -2.55 8.36
CA GLN D 225 -11.04 -2.95 8.04
C GLN D 225 -11.61 -3.95 9.03
N ALA D 226 -10.76 -4.64 9.79
CA ALA D 226 -11.28 -5.58 10.79
C ALA D 226 -12.06 -4.87 11.90
N ILE D 227 -11.76 -3.60 12.14
CA ILE D 227 -12.47 -2.85 13.18
C ILE D 227 -13.91 -2.62 12.77
N ILE D 228 -14.13 -2.17 11.54
CA ILE D 228 -15.47 -1.88 11.04
C ILE D 228 -16.27 -3.17 10.89
N VAL E 18 -15.53 16.48 15.91
CA VAL E 18 -15.38 15.24 15.16
C VAL E 18 -14.57 15.49 13.90
N SER E 19 -14.72 16.69 13.33
CA SER E 19 -13.96 17.03 12.13
C SER E 19 -12.50 17.31 12.45
N LYS E 20 -12.24 18.00 13.57
CA LYS E 20 -10.87 18.38 13.91
C LYS E 20 -10.00 17.16 14.19
N VAL E 21 -10.55 16.17 14.90
CA VAL E 21 -9.78 14.97 15.20
C VAL E 21 -9.51 14.17 13.94
N ASP E 22 -10.48 14.11 13.03
CA ASP E 22 -10.26 13.43 11.76
C ASP E 22 -9.24 14.17 10.90
N LEU E 23 -9.16 15.50 11.05
CA LEU E 23 -8.15 16.27 10.32
C LEU E 23 -6.77 16.09 10.89
N LEU E 24 -6.64 16.00 12.22
CA LEU E 24 -5.33 15.88 12.85
C LEU E 24 -4.76 14.48 12.78
N LEU E 25 -5.60 13.46 12.60
CA LEU E 25 -5.14 12.08 12.68
C LEU E 25 -4.54 11.55 11.39
N HIS E 26 -4.60 12.30 10.29
CA HIS E 26 -4.14 11.83 8.98
C HIS E 26 -3.22 12.87 8.37
N PRO E 27 -1.96 12.91 8.80
CA PRO E 27 -0.99 13.85 8.20
C PRO E 27 -0.74 13.56 6.73
N GLU E 28 -1.01 12.33 6.28
CA GLU E 28 -0.75 11.95 4.90
C GLU E 28 -1.60 12.76 3.93
N LEU E 29 -2.88 12.97 4.26
CA LEU E 29 -3.80 13.67 3.39
C LEU E 29 -3.74 15.19 3.53
N LEU E 30 -3.06 15.71 4.55
CA LEU E 30 -3.03 17.15 4.76
C LEU E 30 -2.17 17.84 3.71
N SER E 31 -2.54 19.07 3.39
CA SER E 31 -1.74 19.88 2.48
C SER E 31 -0.45 20.32 3.16
N GLN E 32 0.52 20.74 2.34
CA GLN E 32 1.78 21.25 2.89
C GLN E 32 1.54 22.52 3.70
N GLU E 33 0.71 23.41 3.18
CA GLU E 33 0.46 24.68 3.86
C GLU E 33 -0.25 24.46 5.19
N PHE E 34 -1.18 23.51 5.24
CA PHE E 34 -1.89 23.23 6.49
C PHE E 34 -0.95 22.66 7.54
N ILE E 35 -0.06 21.75 7.13
CA ILE E 35 0.92 21.19 8.06
C ILE E 35 1.84 22.28 8.58
N GLN E 36 2.29 23.17 7.69
CA GLN E 36 3.14 24.28 8.11
C GLN E 36 2.39 25.21 9.07
N LEU E 37 1.11 25.45 8.80
CA LEU E 37 0.31 26.29 9.69
C LEU E 37 0.19 25.67 11.07
N MET E 38 -0.04 24.37 11.15
CA MET E 38 -0.08 23.72 12.45
C MET E 38 1.27 23.79 13.15
N LEU E 39 2.36 23.56 12.42
CA LEU E 39 3.68 23.59 13.04
C LEU E 39 4.02 24.97 13.56
N GLN E 40 3.62 26.02 12.83
CA GLN E 40 3.85 27.38 13.31
C GLN E 40 2.94 27.73 14.48
N GLU E 41 1.70 27.22 14.46
CA GLU E 41 0.77 27.51 15.54
C GLU E 41 1.24 26.93 16.87
N ARG E 42 1.78 25.72 16.84
CA ARG E 42 2.31 25.09 18.04
C ARG E 42 3.73 25.55 18.36
N ASN E 43 4.22 26.59 17.69
CA ASN E 43 5.54 27.17 17.94
C ASN E 43 6.65 26.13 17.82
N ILE E 44 6.52 25.25 16.83
CA ILE E 44 7.50 24.20 16.59
C ILE E 44 8.53 24.70 15.60
N ALA E 45 9.81 24.55 15.95
CA ALA E 45 10.88 24.97 15.04
C ALA E 45 10.87 24.11 13.78
N VAL E 46 11.00 24.76 12.63
CA VAL E 46 10.93 24.10 11.34
C VAL E 46 12.21 24.38 10.58
N SER E 47 12.85 23.31 10.10
CA SER E 47 14.03 23.41 9.25
C SER E 47 13.73 22.77 7.90
N ASP E 48 14.41 23.27 6.86
CA ASP E 48 14.21 22.91 5.46
C ASP E 48 12.73 22.74 5.16
N PRO E 49 11.95 23.82 5.14
CA PRO E 49 10.49 23.68 4.98
C PRO E 49 10.07 23.07 3.66
N GLU E 50 10.93 23.11 2.64
CA GLU E 50 10.55 22.56 1.33
C GLU E 50 10.33 21.05 1.42
N ASP E 51 11.19 20.34 2.16
CA ASP E 51 11.10 18.89 2.22
C ASP E 51 9.87 18.47 3.01
N ARG E 52 9.10 17.54 2.44
CA ARG E 52 7.91 17.01 3.11
C ARG E 52 8.27 16.02 4.21
N ASP E 53 9.39 15.30 4.06
CA ASP E 53 9.75 14.27 5.02
C ASP E 53 9.98 14.86 6.41
N ARG E 54 10.72 15.96 6.49
CA ARG E 54 10.98 16.57 7.79
C ARG E 54 9.71 17.10 8.44
N LEU E 55 8.83 17.72 7.65
CA LEU E 55 7.59 18.23 8.20
C LEU E 55 6.71 17.10 8.71
N THR E 56 6.61 16.01 7.95
CA THR E 56 5.83 14.87 8.40
C THR E 56 6.42 14.24 9.65
N GLY E 57 7.76 14.17 9.72
CA GLY E 57 8.39 13.65 10.93
C GLY E 57 8.11 14.50 12.15
N LEU E 58 8.21 15.82 12.01
CA LEU E 58 7.89 16.71 13.13
C LEU E 58 6.44 16.57 13.54
N TYR E 59 5.53 16.52 12.58
CA TYR E 59 4.11 16.38 12.89
C TYR E 59 3.83 15.08 13.62
N LEU E 60 4.46 13.99 13.19
CA LEU E 60 4.27 12.71 13.87
C LEU E 60 4.90 12.70 15.24
N GLN E 61 5.98 13.45 15.43
CA GLN E 61 6.69 13.41 16.70
C GLN E 61 6.06 14.32 17.75
N HIS E 62 5.35 15.37 17.34
CA HIS E 62 4.89 16.35 18.31
C HIS E 62 3.39 16.62 18.29
N VAL E 63 2.75 16.58 17.12
CA VAL E 63 1.39 17.11 17.01
C VAL E 63 0.33 16.02 17.02
N ILE E 64 0.63 14.87 16.41
CA ILE E 64 -0.42 13.86 16.21
C ILE E 64 -0.87 13.32 17.56
N PRO E 65 -2.17 13.18 17.79
CA PRO E 65 -2.65 12.54 19.01
C PRO E 65 -2.41 11.04 18.98
N LEU E 66 -2.54 10.43 20.15
CA LEU E 66 -2.35 8.99 20.33
C LEU E 66 -3.54 8.42 21.08
N PRO E 67 -3.79 7.12 20.97
CA PRO E 67 -4.93 6.52 21.65
C PRO E 67 -4.76 6.54 23.15
N GLN E 68 -5.86 6.24 23.86
CA GLN E 68 -5.83 6.18 25.31
C GLN E 68 -4.90 5.08 25.78
N ARG E 69 -4.05 5.41 26.76
CA ARG E 69 -3.13 4.43 27.31
C ARG E 69 -3.88 3.42 28.17
N GLU E 70 -3.45 2.16 28.09
CA GLU E 70 -4.04 1.12 28.93
C GLU E 70 -3.73 1.39 30.39
N LEU E 71 -4.59 0.88 31.26
CA LEU E 71 -4.46 1.16 32.68
C LEU E 71 -3.17 0.55 33.22
N PRO E 72 -2.30 1.32 33.88
CA PRO E 72 -1.04 0.79 34.36
C PRO E 72 -1.23 -0.18 35.53
N ARG E 73 -0.23 -1.05 35.70
CA ARG E 73 -0.26 -2.04 36.77
C ARG E 73 -0.15 -1.39 38.14
N SER E 74 0.30 -0.15 38.22
CA SER E 74 0.55 0.51 39.50
C SER E 74 -0.76 0.78 40.23
N ARG E 75 -0.64 1.33 41.44
CA ARG E 75 -1.82 1.58 42.27
C ARG E 75 -2.73 2.63 41.68
N TRP E 76 -2.18 3.60 40.93
CA TRP E 76 -3.01 4.62 40.32
C TRP E 76 -3.97 4.02 39.31
N GLY E 77 -3.50 3.07 38.52
CA GLY E 77 -4.37 2.40 37.57
C GLY E 77 -5.48 1.61 38.25
N LYS E 78 -5.14 0.92 39.34
CA LYS E 78 -6.15 0.18 40.08
C LYS E 78 -7.20 1.12 40.68
N ARG E 79 -6.76 2.26 41.21
CA ARG E 79 -7.70 3.24 41.74
C ARG E 79 -8.60 3.79 40.63
N MET E 80 -8.02 4.07 39.46
CA MET E 80 -8.80 4.59 38.35
C MET E 80 -9.82 3.57 37.87
N GLU E 81 -9.45 2.29 37.84
CA GLU E 81 -10.38 1.25 37.40
C GLU E 81 -11.59 1.16 38.33
N LYS E 82 -11.36 1.25 39.64
CA LYS E 82 -12.44 1.18 40.61
C LYS E 82 -13.25 2.47 40.63
#